data_2Y57
#
_entry.id   2Y57
#
_cell.length_a   210.740
_cell.length_b   210.740
_cell.length_c   210.740
_cell.angle_alpha   90.00
_cell.angle_beta   90.00
_cell.angle_gamma   90.00
#
_symmetry.space_group_name_H-M   'I 2 3'
#
loop_
_entity.id
_entity.type
_entity.pdbx_description
1 polymer 'SOLUBLE ACETYLCHOLINE RECEPTOR'
2 non-polymer '[(1R,5S)-8-PHENETHYL-8-AZABICYCLO[3.2.1]OCTAN-3-YL] BENZOATE'
3 non-polymer 'CHLORIDE ION'
4 non-polymer 'SULFATE ION'
#
_entity_poly.entity_id   1
_entity_poly.type   'polypeptide(L)'
_entity_poly.pdbx_seq_one_letter_code
;QANLMRLKSDLFNRSPMYPGPTKDDPLTVTLGFTLQDIVKVDSSTNEVDLVYYEQQRWKLNSLMWDPNEYGNITDFRTSA
ADIWTPDITAYSSTRPVQVLSPQIAVVTHDGSVMFIPAQRLSFMCDPTGVDSEEGVTCAVKFGSWVYSGFEIDLKTDTDQ
VDLSSYYASSKYEILSATQTRQVQHYSCCPEPYIDVNLVVKFRERRAGNGFFRNLFD
;
_entity_poly.pdbx_strand_id   A,B,C,D,E
#
# COMPACT_ATOMS: atom_id res chain seq x y z
N GLN A 1 2.56 -17.30 28.37
CA GLN A 1 3.20 -17.38 29.68
C GLN A 1 4.11 -16.18 29.98
N ALA A 2 4.28 -15.91 31.27
CA ALA A 2 5.04 -14.79 31.83
C ALA A 2 6.53 -14.89 31.59
N ASN A 3 7.06 -16.12 31.52
CA ASN A 3 8.49 -16.33 31.31
C ASN A 3 8.92 -15.80 29.93
N LEU A 4 8.11 -16.06 28.88
CA LEU A 4 8.36 -15.58 27.50
C LEU A 4 8.23 -14.07 27.44
N MET A 5 7.20 -13.51 28.13
CA MET A 5 6.92 -12.07 28.19
C MET A 5 8.11 -11.29 28.79
N ARG A 6 8.64 -11.80 29.94
CA ARG A 6 9.79 -11.25 30.67
C ARG A 6 11.05 -11.28 29.79
N LEU A 7 11.29 -12.40 29.11
CA LEU A 7 12.43 -12.55 28.23
C LEU A 7 12.35 -11.55 27.09
N LYS A 8 11.19 -11.47 26.44
CA LYS A 8 10.91 -10.55 25.34
C LYS A 8 11.13 -9.09 25.79
N SER A 9 10.61 -8.72 26.98
CA SER A 9 10.74 -7.37 27.55
C SER A 9 12.20 -7.08 27.95
N ASP A 10 12.89 -8.05 28.56
CA ASP A 10 14.30 -7.86 28.95
C ASP A 10 15.18 -7.65 27.70
N LEU A 11 14.96 -8.47 26.66
CA LEU A 11 15.76 -8.40 25.43
C LEU A 11 15.52 -7.14 24.65
N PHE A 12 14.24 -6.83 24.37
CA PHE A 12 13.91 -5.72 23.49
C PHE A 12 13.66 -4.40 24.18
N ASN A 13 12.82 -4.36 25.21
CA ASN A 13 12.47 -3.10 25.86
C ASN A 13 13.58 -2.55 26.76
N ARG A 14 14.17 -3.43 27.60
CA ARG A 14 15.22 -3.08 28.57
C ARG A 14 16.52 -2.60 27.89
N SER A 15 16.98 -3.30 26.84
CA SER A 15 18.23 -3.00 26.14
C SER A 15 17.97 -2.23 24.81
N PRO A 16 18.92 -1.38 24.31
CA PRO A 16 18.68 -0.68 23.01
C PRO A 16 18.80 -1.64 21.82
N MET A 17 18.12 -1.34 20.68
CA MET A 17 18.16 -2.22 19.50
C MET A 17 19.56 -2.23 18.87
N TYR A 18 19.94 -3.40 18.29
CA TYR A 18 21.24 -3.64 17.65
C TYR A 18 21.44 -2.61 16.53
N PRO A 19 22.53 -1.83 16.57
CA PRO A 19 22.71 -0.77 15.57
C PRO A 19 23.25 -1.23 14.20
N GLY A 20 23.25 -2.55 14.00
CA GLY A 20 23.74 -3.15 12.78
C GLY A 20 25.23 -3.44 12.82
N PRO A 21 25.76 -4.24 11.88
CA PRO A 21 27.19 -4.58 11.88
C PRO A 21 28.10 -3.41 11.57
N THR A 22 29.34 -3.45 12.10
CA THR A 22 30.38 -2.44 11.87
C THR A 22 31.61 -3.10 11.27
N LYS A 23 32.66 -2.32 10.98
CA LYS A 23 33.94 -2.85 10.51
C LYS A 23 34.59 -3.60 11.68
N ASP A 24 34.46 -3.01 12.90
CA ASP A 24 34.95 -3.51 14.20
C ASP A 24 34.16 -4.75 14.65
N ASP A 25 32.84 -4.74 14.52
CA ASP A 25 32.03 -5.91 14.84
C ASP A 25 31.29 -6.36 13.54
N PRO A 26 31.95 -7.20 12.70
CA PRO A 26 31.29 -7.66 11.48
C PRO A 26 30.28 -8.76 11.77
N LEU A 27 29.55 -9.19 10.74
CA LEU A 27 28.52 -10.20 10.83
C LEU A 27 28.54 -11.10 9.62
N THR A 28 28.19 -12.37 9.80
CA THR A 28 28.11 -13.29 8.70
C THR A 28 26.71 -13.84 8.61
N VAL A 29 26.03 -13.52 7.50
CA VAL A 29 24.67 -13.96 7.21
C VAL A 29 24.71 -15.16 6.32
N THR A 30 24.02 -16.22 6.74
CA THR A 30 23.92 -17.42 5.93
C THR A 30 22.68 -17.27 5.06
N LEU A 31 22.81 -17.58 3.77
CA LEU A 31 21.68 -17.51 2.84
C LEU A 31 21.37 -18.87 2.20
N GLY A 32 20.13 -19.05 1.79
CA GLY A 32 19.67 -20.27 1.15
C GLY A 32 18.36 -20.10 0.43
N PHE A 33 18.24 -20.69 -0.75
CA PHE A 33 17.01 -20.58 -1.52
C PHE A 33 16.31 -21.89 -1.69
N THR A 34 14.98 -21.82 -1.62
CA THR A 34 14.08 -22.92 -1.88
C THR A 34 13.22 -22.48 -3.04
N LEU A 35 13.60 -22.83 -4.27
CA LEU A 35 12.85 -22.42 -5.46
C LEU A 35 11.56 -23.24 -5.59
N GLN A 36 10.42 -22.54 -5.60
CA GLN A 36 9.09 -23.14 -5.66
C GLN A 36 8.52 -23.12 -7.06
N ASP A 37 8.68 -22.00 -7.80
CA ASP A 37 8.15 -21.90 -9.15
C ASP A 37 8.77 -20.76 -9.95
N ILE A 38 8.87 -20.98 -11.29
CA ILE A 38 9.16 -20.00 -12.34
C ILE A 38 7.77 -19.78 -12.90
N VAL A 39 7.10 -18.73 -12.39
CA VAL A 39 5.71 -18.45 -12.69
C VAL A 39 5.48 -17.96 -14.11
N LYS A 40 6.10 -16.83 -14.44
CA LYS A 40 5.95 -16.13 -15.70
C LYS A 40 7.31 -15.85 -16.32
N VAL A 41 7.34 -15.78 -17.63
CA VAL A 41 8.51 -15.45 -18.44
C VAL A 41 8.00 -14.42 -19.48
N ASP A 42 8.51 -13.18 -19.40
CA ASP A 42 8.07 -12.15 -20.32
C ASP A 42 9.18 -11.86 -21.31
N SER A 43 9.05 -12.52 -22.47
CA SER A 43 9.93 -12.43 -23.64
C SER A 43 10.00 -11.02 -24.18
N SER A 44 8.91 -10.23 -24.07
CA SER A 44 8.86 -8.87 -24.62
C SER A 44 9.64 -7.84 -23.78
N THR A 45 9.85 -8.09 -22.46
CA THR A 45 10.58 -7.16 -21.59
C THR A 45 11.81 -7.82 -20.93
N ASN A 46 12.07 -9.11 -21.24
CA ASN A 46 13.14 -9.93 -20.66
C ASN A 46 13.10 -9.80 -19.11
N GLU A 47 11.90 -10.12 -18.57
CA GLU A 47 11.55 -10.16 -17.16
C GLU A 47 11.07 -11.57 -16.80
N VAL A 48 11.61 -12.15 -15.72
CA VAL A 48 11.20 -13.48 -15.27
C VAL A 48 10.76 -13.40 -13.79
N ASP A 49 9.66 -14.06 -13.47
CA ASP A 49 9.13 -14.05 -12.12
C ASP A 49 9.39 -15.40 -11.40
N LEU A 50 10.06 -15.35 -10.22
CA LEU A 50 10.30 -16.54 -9.39
C LEU A 50 9.54 -16.45 -8.06
N VAL A 51 9.01 -17.60 -7.58
CA VAL A 51 8.40 -17.74 -6.25
C VAL A 51 9.31 -18.70 -5.52
N TYR A 52 9.82 -18.28 -4.36
CA TYR A 52 10.77 -19.01 -3.54
C TYR A 52 10.69 -18.50 -2.09
N TYR A 53 11.41 -19.15 -1.18
CA TYR A 53 11.58 -18.63 0.16
C TYR A 53 13.04 -18.70 0.49
N GLU A 54 13.53 -17.57 1.01
CA GLU A 54 14.92 -17.26 1.41
C GLU A 54 15.27 -17.66 2.85
N GLN A 55 16.30 -18.46 3.07
CA GLN A 55 16.70 -18.72 4.45
C GLN A 55 17.77 -17.71 4.82
N GLN A 56 17.49 -16.94 5.83
CA GLN A 56 18.45 -15.97 6.35
C GLN A 56 18.73 -16.35 7.80
N ARG A 57 19.98 -16.61 8.13
CA ARG A 57 20.29 -16.91 9.52
C ARG A 57 21.52 -16.10 9.90
N TRP A 58 21.57 -15.66 11.17
CA TRP A 58 22.70 -14.89 11.73
C TRP A 58 22.73 -15.06 13.27
N LYS A 59 23.77 -14.56 13.94
CA LYS A 59 23.89 -14.68 15.39
C LYS A 59 24.34 -13.36 16.02
N LEU A 60 23.69 -12.96 17.12
CA LEU A 60 24.01 -11.74 17.86
C LEU A 60 24.23 -12.07 19.33
N ASN A 61 25.33 -11.55 19.91
CA ASN A 61 25.62 -11.77 21.33
C ASN A 61 24.56 -11.02 22.16
N SER A 62 23.99 -9.98 21.53
CA SER A 62 22.94 -9.11 22.00
C SER A 62 21.66 -9.91 22.36
N LEU A 63 21.28 -10.87 21.50
CA LEU A 63 20.08 -11.67 21.66
C LEU A 63 20.29 -12.98 22.42
N MET A 64 21.42 -13.13 23.13
CA MET A 64 21.68 -14.34 23.90
C MET A 64 20.98 -14.30 25.24
N TRP A 65 20.71 -15.50 25.82
CA TRP A 65 20.15 -15.64 27.17
C TRP A 65 20.39 -17.02 27.76
N ASP A 66 20.33 -17.09 29.11
CA ASP A 66 20.43 -18.31 29.89
C ASP A 66 19.01 -18.87 30.00
N PRO A 67 18.70 -20.00 29.32
CA PRO A 67 17.30 -20.51 29.37
C PRO A 67 16.84 -20.87 30.79
N ASN A 68 17.80 -21.25 31.67
CA ASN A 68 17.55 -21.59 33.07
C ASN A 68 17.14 -20.34 33.90
N GLU A 69 17.42 -19.13 33.36
CA GLU A 69 17.08 -17.84 33.96
C GLU A 69 15.67 -17.39 33.55
N TYR A 70 15.13 -18.00 32.47
CA TYR A 70 13.84 -17.67 31.88
C TYR A 70 12.93 -18.91 31.70
N GLY A 71 12.90 -19.77 32.72
CA GLY A 71 12.07 -20.97 32.74
C GLY A 71 12.24 -21.91 31.57
N ASN A 72 13.48 -22.43 31.40
CA ASN A 72 13.94 -23.39 30.39
C ASN A 72 13.22 -23.21 29.03
N ILE A 73 13.52 -22.09 28.33
CA ILE A 73 12.98 -21.81 27.01
C ILE A 73 14.16 -21.48 26.09
N THR A 74 14.34 -22.36 25.12
CA THR A 74 15.44 -22.36 24.16
C THR A 74 15.27 -21.34 23.03
N ASP A 75 14.10 -21.32 22.40
CA ASP A 75 13.81 -20.48 21.24
C ASP A 75 12.43 -19.86 21.33
N PHE A 76 12.19 -18.77 20.57
CA PHE A 76 10.88 -18.11 20.51
C PHE A 76 10.70 -17.42 19.17
N ARG A 77 9.42 -17.25 18.77
CA ARG A 77 9.04 -16.54 17.55
C ARG A 77 8.72 -15.11 17.91
N THR A 78 9.17 -14.16 17.07
CA THR A 78 8.89 -12.73 17.25
C THR A 78 8.82 -12.04 15.90
N SER A 79 8.06 -10.93 15.87
CA SER A 79 7.92 -10.13 14.66
C SER A 79 9.27 -9.57 14.29
N ALA A 80 9.57 -9.61 12.99
CA ALA A 80 10.83 -9.14 12.42
C ALA A 80 11.10 -7.65 12.77
N ALA A 81 10.04 -6.91 13.17
CA ALA A 81 10.11 -5.50 13.55
C ALA A 81 10.91 -5.31 14.82
N ASP A 82 10.79 -6.26 15.76
CA ASP A 82 11.43 -6.21 17.08
C ASP A 82 12.95 -6.41 17.01
N ILE A 83 13.42 -7.01 15.89
CA ILE A 83 14.85 -7.31 15.70
C ILE A 83 15.46 -6.63 14.47
N TRP A 84 16.80 -6.60 14.44
CA TRP A 84 17.54 -6.13 13.28
C TRP A 84 17.48 -7.26 12.25
N THR A 85 17.34 -6.93 10.98
CA THR A 85 17.30 -7.90 9.88
C THR A 85 18.26 -7.45 8.78
N PRO A 86 18.95 -8.40 8.09
CA PRO A 86 19.88 -7.97 7.03
C PRO A 86 19.13 -7.44 5.81
N ASP A 87 19.67 -6.38 5.18
CA ASP A 87 19.05 -5.75 4.01
C ASP A 87 19.43 -6.49 2.70
N ILE A 88 19.18 -7.80 2.66
CA ILE A 88 19.48 -8.62 1.50
C ILE A 88 18.53 -8.23 0.39
N THR A 89 19.12 -7.67 -0.69
CA THR A 89 18.44 -7.14 -1.88
C THR A 89 18.86 -7.87 -3.15
N ALA A 90 17.94 -8.00 -4.13
CA ALA A 90 18.24 -8.61 -5.42
C ALA A 90 18.63 -7.47 -6.39
N TYR A 91 19.85 -7.53 -6.91
CA TYR A 91 20.41 -6.48 -7.78
C TYR A 91 19.57 -6.22 -9.09
N SER A 92 19.38 -7.28 -9.93
CA SER A 92 18.67 -7.23 -11.20
C SER A 92 17.14 -7.18 -11.07
N SER A 93 16.56 -6.86 -9.88
CA SER A 93 15.10 -6.77 -9.72
C SER A 93 14.53 -5.67 -10.61
N THR A 94 13.34 -5.90 -11.19
CA THR A 94 12.69 -4.92 -12.08
C THR A 94 11.41 -4.37 -11.47
N ARG A 95 10.94 -5.00 -10.39
CA ARG A 95 9.73 -4.65 -9.66
C ARG A 95 9.92 -5.03 -8.19
N PRO A 96 9.33 -4.30 -7.23
CA PRO A 96 9.56 -4.63 -5.80
C PRO A 96 9.23 -6.08 -5.45
N VAL A 97 10.04 -6.74 -4.61
CA VAL A 97 9.67 -8.13 -4.24
C VAL A 97 8.40 -8.11 -3.42
N GLN A 98 7.48 -9.00 -3.75
CA GLN A 98 6.21 -9.16 -3.04
C GLN A 98 6.44 -10.15 -1.90
N VAL A 99 6.02 -9.76 -0.67
CA VAL A 99 6.18 -10.69 0.44
C VAL A 99 5.00 -11.68 0.45
N LEU A 100 5.33 -12.96 0.53
CA LEU A 100 4.38 -14.04 0.45
C LEU A 100 4.28 -14.83 1.79
N SER A 101 5.05 -14.42 2.84
CA SER A 101 5.06 -15.06 4.16
C SER A 101 5.05 -14.02 5.31
N PRO A 102 4.59 -14.44 6.52
CA PRO A 102 4.63 -13.54 7.69
C PRO A 102 6.04 -13.05 8.05
N GLN A 103 6.11 -11.80 8.57
CA GLN A 103 7.36 -11.15 8.98
C GLN A 103 7.69 -11.57 10.42
N ILE A 104 7.93 -12.88 10.60
CA ILE A 104 8.25 -13.48 11.90
C ILE A 104 9.53 -14.29 11.76
N ALA A 105 10.39 -14.18 12.77
CA ALA A 105 11.66 -14.88 12.82
C ALA A 105 11.75 -15.65 14.12
N VAL A 106 12.68 -16.64 14.20
CA VAL A 106 12.87 -17.47 15.39
C VAL A 106 14.22 -17.14 16.04
N VAL A 107 14.18 -16.72 17.31
CA VAL A 107 15.39 -16.34 18.04
C VAL A 107 15.74 -17.43 19.07
N THR A 108 17.00 -17.96 19.02
CA THR A 108 17.46 -19.02 19.94
C THR A 108 18.39 -18.41 20.99
N HIS A 109 18.44 -19.02 22.18
CA HIS A 109 19.18 -18.55 23.34
C HIS A 109 20.65 -18.23 23.07
N ASP A 110 21.26 -18.84 22.02
CA ASP A 110 22.66 -18.57 21.67
C ASP A 110 22.77 -17.30 20.84
N GLY A 111 21.65 -16.58 20.73
CA GLY A 111 21.52 -15.35 19.96
C GLY A 111 21.34 -15.54 18.46
N SER A 112 21.24 -16.81 18.00
CA SER A 112 21.08 -17.13 16.59
C SER A 112 19.63 -16.87 16.13
N VAL A 113 19.50 -16.17 14.98
CA VAL A 113 18.22 -15.79 14.40
C VAL A 113 18.01 -16.47 13.07
N MET A 114 16.79 -16.97 12.85
CA MET A 114 16.39 -17.66 11.62
C MET A 114 15.18 -16.92 11.06
N PHE A 115 15.31 -16.40 9.83
CA PHE A 115 14.23 -15.66 9.17
C PHE A 115 14.04 -16.22 7.77
N ILE A 116 12.83 -16.72 7.48
CA ILE A 116 12.59 -17.37 6.18
C ILE A 116 11.52 -16.60 5.35
N PRO A 117 11.88 -15.45 4.72
CA PRO A 117 10.87 -14.71 3.93
C PRO A 117 10.46 -15.39 2.60
N ALA A 118 9.15 -15.57 2.37
CA ALA A 118 8.71 -16.11 1.08
C ALA A 118 8.49 -14.95 0.13
N GLN A 119 9.09 -15.01 -1.07
CA GLN A 119 8.96 -13.88 -1.98
C GLN A 119 8.66 -14.26 -3.43
N ARG A 120 8.05 -13.28 -4.16
CA ARG A 120 7.84 -13.30 -5.61
C ARG A 120 8.76 -12.23 -6.12
N LEU A 121 9.77 -12.60 -6.93
CA LEU A 121 10.76 -11.65 -7.46
C LEU A 121 10.70 -11.53 -8.98
N SER A 122 10.68 -10.29 -9.49
CA SER A 122 10.74 -10.06 -10.92
C SER A 122 12.09 -9.48 -11.25
N PHE A 123 12.88 -10.25 -12.02
CA PHE A 123 14.24 -9.84 -12.34
C PHE A 123 14.54 -9.91 -13.84
N MET A 124 15.65 -9.27 -14.23
CA MET A 124 16.15 -9.20 -15.59
C MET A 124 16.68 -10.55 -15.98
N CYS A 125 16.10 -11.10 -17.06
CA CYS A 125 16.42 -12.42 -17.61
C CYS A 125 15.92 -12.56 -19.04
N ASP A 126 16.82 -12.77 -20.01
CA ASP A 126 16.45 -13.00 -21.41
C ASP A 126 16.09 -14.47 -21.54
N PRO A 127 14.81 -14.78 -21.79
CA PRO A 127 14.41 -16.21 -21.82
C PRO A 127 14.63 -16.89 -23.18
N THR A 128 15.30 -16.21 -24.14
CA THR A 128 15.56 -16.73 -25.48
C THR A 128 16.19 -18.13 -25.38
N GLY A 129 15.46 -19.12 -25.91
CA GLY A 129 15.89 -20.51 -25.93
C GLY A 129 15.23 -21.39 -24.88
N VAL A 130 14.21 -20.87 -24.17
CA VAL A 130 13.50 -21.63 -23.15
C VAL A 130 12.68 -22.75 -23.81
N ASP A 131 12.22 -22.53 -25.07
CA ASP A 131 11.44 -23.47 -25.88
C ASP A 131 12.29 -24.67 -26.40
N SER A 132 13.64 -24.63 -26.28
CA SER A 132 14.52 -25.70 -26.77
C SER A 132 14.82 -26.74 -25.68
N GLU A 133 15.53 -27.83 -26.06
CA GLU A 133 15.88 -28.89 -25.12
C GLU A 133 16.98 -28.41 -24.16
N GLU A 134 17.99 -27.69 -24.70
CA GLU A 134 19.15 -27.14 -23.97
C GLU A 134 18.75 -26.16 -22.86
N GLY A 135 17.62 -25.48 -23.05
CA GLY A 135 17.09 -24.53 -22.09
C GLY A 135 17.77 -23.18 -22.11
N VAL A 136 17.47 -22.35 -21.10
CA VAL A 136 18.01 -21.01 -20.92
C VAL A 136 18.50 -20.84 -19.48
N THR A 137 19.61 -20.15 -19.30
CA THR A 137 20.20 -19.90 -17.98
C THR A 137 20.03 -18.44 -17.61
N CYS A 138 19.63 -18.19 -16.36
CA CYS A 138 19.44 -16.84 -15.83
C CYS A 138 19.97 -16.72 -14.45
N ALA A 139 20.43 -15.51 -14.09
CA ALA A 139 21.03 -15.26 -12.79
C ALA A 139 20.56 -13.96 -12.18
N VAL A 140 20.58 -13.92 -10.82
CA VAL A 140 20.22 -12.78 -9.98
C VAL A 140 21.10 -12.81 -8.71
N LYS A 141 21.75 -11.67 -8.42
CA LYS A 141 22.67 -11.53 -7.29
C LYS A 141 21.97 -10.94 -6.07
N PHE A 142 21.97 -11.70 -4.96
CA PHE A 142 21.38 -11.29 -3.68
C PHE A 142 22.49 -10.90 -2.71
N GLY A 143 22.38 -9.73 -2.12
CA GLY A 143 23.34 -9.26 -1.15
C GLY A 143 22.84 -8.03 -0.42
N SER A 144 23.57 -7.61 0.64
CA SER A 144 23.20 -6.39 1.36
C SER A 144 23.38 -5.19 0.44
N TRP A 145 22.38 -4.35 0.36
CA TRP A 145 22.43 -3.18 -0.50
C TRP A 145 23.40 -2.15 0.03
N VAL A 146 23.40 -1.98 1.35
CA VAL A 146 24.14 -0.91 1.97
C VAL A 146 25.44 -1.35 2.65
N TYR A 147 25.56 -2.63 3.05
CA TYR A 147 26.76 -3.06 3.76
C TYR A 147 27.79 -3.74 2.87
N SER A 148 29.06 -3.33 3.04
CA SER A 148 30.22 -3.90 2.35
C SER A 148 30.60 -5.25 2.95
N GLY A 149 31.70 -5.81 2.47
CA GLY A 149 32.22 -7.07 2.97
C GLY A 149 32.80 -6.94 4.37
N PHE A 150 33.27 -5.71 4.71
CA PHE A 150 33.89 -5.32 5.98
C PHE A 150 32.89 -5.33 7.11
N GLU A 151 31.60 -5.21 6.76
CA GLU A 151 30.54 -5.16 7.74
C GLU A 151 29.73 -6.46 7.71
N ILE A 152 29.25 -6.89 6.52
CA ILE A 152 28.47 -8.13 6.39
C ILE A 152 29.13 -9.06 5.37
N ASP A 153 29.29 -10.33 5.77
CA ASP A 153 29.75 -11.40 4.89
C ASP A 153 28.58 -12.35 4.69
N LEU A 154 28.57 -13.03 3.56
CA LEU A 154 27.53 -13.98 3.20
C LEU A 154 28.13 -15.35 3.11
N LYS A 155 27.34 -16.37 3.46
CA LYS A 155 27.78 -17.79 3.44
C LYS A 155 26.59 -18.65 3.01
N THR A 156 26.84 -19.78 2.34
CA THR A 156 25.77 -20.71 1.97
C THR A 156 26.09 -22.05 2.56
N ASP A 157 25.10 -22.74 3.14
CA ASP A 157 25.33 -24.08 3.68
C ASP A 157 25.58 -25.09 2.55
N THR A 158 25.05 -24.81 1.36
CA THR A 158 25.20 -25.62 0.14
C THR A 158 25.16 -24.71 -1.09
N ASP A 159 25.86 -25.11 -2.16
CA ASP A 159 25.89 -24.40 -3.44
C ASP A 159 24.67 -24.84 -4.30
N GLN A 160 23.94 -25.87 -3.84
CA GLN A 160 22.77 -26.40 -4.54
C GLN A 160 21.47 -25.81 -3.98
N VAL A 161 20.68 -25.14 -4.83
CA VAL A 161 19.40 -24.56 -4.45
C VAL A 161 18.43 -25.69 -4.13
N ASP A 162 17.57 -25.50 -3.10
CA ASP A 162 16.59 -26.49 -2.65
C ASP A 162 15.40 -26.62 -3.63
N LEU A 163 15.40 -27.68 -4.43
CA LEU A 163 14.33 -27.86 -5.41
C LEU A 163 13.33 -28.90 -4.95
N SER A 164 13.47 -29.35 -3.67
CA SER A 164 12.60 -30.36 -3.06
C SER A 164 11.13 -29.90 -3.02
N SER A 165 10.88 -28.56 -3.02
CA SER A 165 9.53 -27.98 -2.98
C SER A 165 9.23 -27.23 -4.29
N TYR A 166 9.92 -27.61 -5.39
CA TYR A 166 9.66 -27.01 -6.70
C TYR A 166 8.35 -27.57 -7.28
N TYR A 167 7.46 -26.65 -7.72
CA TYR A 167 6.14 -26.95 -8.31
C TYR A 167 6.27 -27.95 -9.45
N ALA A 168 5.72 -29.15 -9.21
CA ALA A 168 5.75 -30.29 -10.12
C ALA A 168 5.18 -29.94 -11.52
N SER A 169 3.92 -29.47 -11.56
CA SER A 169 3.23 -29.14 -12.80
C SER A 169 3.57 -27.72 -13.30
N SER A 170 4.73 -27.14 -12.91
CA SER A 170 5.17 -25.82 -13.39
C SER A 170 5.33 -25.83 -14.92
N LYS A 171 5.18 -24.66 -15.57
CA LYS A 171 5.33 -24.51 -17.01
C LYS A 171 6.79 -24.68 -17.43
N TYR A 172 7.74 -24.45 -16.48
CA TYR A 172 9.19 -24.54 -16.70
C TYR A 172 9.84 -25.53 -15.76
N GLU A 173 10.56 -26.51 -16.34
CA GLU A 173 11.32 -27.58 -15.70
C GLU A 173 12.74 -27.09 -15.33
N ILE A 174 13.19 -27.30 -14.07
CA ILE A 174 14.52 -26.85 -13.65
C ILE A 174 15.58 -27.84 -14.09
N LEU A 175 16.56 -27.35 -14.82
CA LEU A 175 17.66 -28.20 -15.27
C LEU A 175 18.77 -28.16 -14.22
N SER A 176 19.03 -26.96 -13.65
CA SER A 176 20.03 -26.72 -12.61
C SER A 176 19.72 -25.42 -11.86
N ALA A 177 19.99 -25.40 -10.54
CA ALA A 177 19.77 -24.23 -9.68
C ALA A 177 20.89 -24.17 -8.65
N THR A 178 21.69 -23.11 -8.74
CA THR A 178 22.88 -22.89 -7.96
C THR A 178 22.85 -21.60 -7.17
N GLN A 179 23.32 -21.70 -5.91
CA GLN A 179 23.54 -20.59 -4.98
C GLN A 179 25.05 -20.46 -4.79
N THR A 180 25.68 -19.58 -5.56
CA THR A 180 27.13 -19.40 -5.51
C THR A 180 27.52 -18.06 -4.83
N ARG A 181 28.34 -18.09 -3.75
CA ARG A 181 28.82 -16.86 -3.09
C ARG A 181 29.83 -16.21 -4.00
N GLN A 182 29.76 -14.87 -4.13
CA GLN A 182 30.73 -14.13 -4.95
C GLN A 182 31.04 -12.78 -4.33
N VAL A 183 32.26 -12.27 -4.59
CA VAL A 183 32.74 -10.97 -4.13
C VAL A 183 32.85 -10.07 -5.32
N GLN A 184 32.25 -8.89 -5.25
CA GLN A 184 32.28 -8.01 -6.40
C GLN A 184 32.65 -6.58 -6.07
N HIS A 185 33.34 -5.94 -7.02
CA HIS A 185 33.71 -4.54 -6.91
C HIS A 185 32.90 -3.82 -7.93
N TYR A 186 32.35 -2.66 -7.53
CA TYR A 186 31.51 -1.86 -8.41
C TYR A 186 32.23 -0.58 -8.72
N SER A 187 31.91 0.03 -9.87
CA SER A 187 32.55 1.26 -10.39
C SER A 187 32.63 2.38 -9.33
N CYS A 188 31.47 2.63 -8.68
CA CYS A 188 31.16 3.62 -7.64
C CYS A 188 32.04 3.54 -6.43
N CYS A 189 32.33 2.32 -6.00
CA CYS A 189 32.78 2.00 -4.68
C CYS A 189 34.07 1.18 -4.62
N PRO A 190 35.02 1.64 -3.78
CA PRO A 190 36.29 0.91 -3.62
C PRO A 190 36.16 -0.38 -2.80
N GLU A 191 35.22 -0.38 -1.82
CA GLU A 191 34.93 -1.48 -0.91
C GLU A 191 34.20 -2.60 -1.69
N PRO A 192 34.43 -3.90 -1.34
CA PRO A 192 33.75 -4.97 -2.08
C PRO A 192 32.38 -5.28 -1.48
N TYR A 193 31.52 -5.87 -2.31
CA TYR A 193 30.20 -6.23 -1.86
C TYR A 193 29.99 -7.69 -2.14
N ILE A 194 29.57 -8.43 -1.10
CA ILE A 194 29.33 -9.85 -1.17
C ILE A 194 27.85 -10.09 -1.48
N ASP A 195 27.64 -11.06 -2.36
CA ASP A 195 26.35 -11.53 -2.80
C ASP A 195 26.40 -13.06 -2.97
N VAL A 196 25.22 -13.65 -3.16
CA VAL A 196 25.01 -15.06 -3.46
C VAL A 196 24.30 -15.07 -4.81
N ASN A 197 25.02 -15.46 -5.87
CA ASN A 197 24.43 -15.52 -7.21
C ASN A 197 23.51 -16.74 -7.33
N LEU A 198 22.20 -16.49 -7.55
CA LEU A 198 21.19 -17.50 -7.80
C LEU A 198 21.19 -17.74 -9.31
N VAL A 199 21.65 -18.93 -9.75
CA VAL A 199 21.78 -19.26 -11.19
C VAL A 199 20.92 -20.45 -11.53
N VAL A 200 19.82 -20.17 -12.28
CA VAL A 200 18.84 -21.19 -12.65
C VAL A 200 18.79 -21.41 -14.17
N LYS A 201 18.92 -22.68 -14.58
CA LYS A 201 18.85 -23.16 -15.96
C LYS A 201 17.55 -23.93 -16.07
N PHE A 202 16.69 -23.53 -17.00
CA PHE A 202 15.36 -24.11 -17.13
C PHE A 202 14.88 -24.14 -18.57
N ARG A 203 13.83 -24.93 -18.83
CA ARG A 203 13.18 -25.04 -20.13
C ARG A 203 11.74 -25.41 -19.96
N GLU A 204 10.85 -24.94 -20.86
CA GLU A 204 9.45 -25.33 -20.76
C GLU A 204 9.34 -26.87 -21.00
N ARG A 205 8.44 -27.56 -20.26
CA ARG A 205 8.30 -29.03 -20.29
C ARG A 205 7.89 -29.61 -21.66
N GLN B 1 27.74 -2.77 19.00
CA GLN B 1 28.46 -2.31 20.18
C GLN B 1 27.83 -1.05 20.74
N ALA B 2 28.14 -0.75 22.04
CA ALA B 2 27.62 0.38 22.82
C ALA B 2 28.10 1.74 22.32
N ASN B 3 29.30 1.81 21.72
CA ASN B 3 29.83 3.06 21.22
C ASN B 3 28.95 3.62 20.12
N LEU B 4 28.55 2.76 19.16
CA LEU B 4 27.67 3.21 18.07
C LEU B 4 26.25 3.53 18.58
N MET B 5 25.73 2.70 19.50
CA MET B 5 24.41 2.90 20.08
C MET B 5 24.32 4.28 20.72
N ARG B 6 25.35 4.65 21.53
CA ARG B 6 25.49 5.95 22.19
C ARG B 6 25.55 7.10 21.16
N LEU B 7 26.36 6.93 20.08
CA LEU B 7 26.50 7.91 19.00
C LEU B 7 25.14 8.15 18.34
N LYS B 8 24.45 7.05 17.98
CA LYS B 8 23.14 7.05 17.35
C LYS B 8 22.12 7.78 18.28
N SER B 9 22.20 7.54 19.59
CA SER B 9 21.37 8.17 20.60
C SER B 9 21.66 9.69 20.69
N ASP B 10 22.94 10.07 20.85
CA ASP B 10 23.39 11.46 20.98
C ASP B 10 23.06 12.29 19.73
N LEU B 11 23.03 11.65 18.56
CA LEU B 11 22.71 12.35 17.32
C LEU B 11 21.20 12.49 17.10
N PHE B 12 20.46 11.39 17.22
CA PHE B 12 19.04 11.35 16.88
C PHE B 12 18.06 11.58 18.04
N ASN B 13 18.32 11.00 19.22
CA ASN B 13 17.40 11.12 20.36
C ASN B 13 17.64 12.43 21.16
N ARG B 14 18.92 12.77 21.43
CA ARG B 14 19.35 13.96 22.21
C ARG B 14 18.99 15.29 21.52
N SER B 15 19.22 15.38 20.20
CA SER B 15 18.96 16.59 19.40
C SER B 15 17.66 16.47 18.59
N PRO B 16 16.88 17.58 18.34
CA PRO B 16 15.65 17.45 17.51
C PRO B 16 15.99 17.26 16.03
N MET B 17 15.05 16.66 15.24
CA MET B 17 15.32 16.40 13.83
C MET B 17 15.40 17.70 13.04
N TYR B 18 16.32 17.67 12.06
CA TYR B 18 16.67 18.70 11.10
C TYR B 18 15.38 19.16 10.40
N PRO B 19 15.10 20.47 10.48
CA PRO B 19 13.86 20.98 9.88
C PRO B 19 13.94 21.23 8.35
N GLY B 20 15.00 20.76 7.72
CA GLY B 20 15.20 20.94 6.30
C GLY B 20 15.99 22.20 5.99
N PRO B 21 16.53 22.34 4.76
CA PRO B 21 17.30 23.55 4.42
C PRO B 21 16.48 24.82 4.42
N THR B 22 17.12 25.92 4.80
CA THR B 22 16.54 27.25 4.84
C THR B 22 17.30 28.11 3.88
N LYS B 23 16.88 29.38 3.71
CA LYS B 23 17.59 30.31 2.84
C LYS B 23 18.92 30.67 3.51
N ASP B 24 18.89 30.81 4.86
CA ASP B 24 20.01 31.09 5.77
C ASP B 24 20.98 29.91 5.86
N ASP B 25 20.47 28.67 5.93
CA ASP B 25 21.30 27.48 5.92
C ASP B 25 20.94 26.62 4.69
N PRO B 26 21.55 26.90 3.52
CA PRO B 26 21.24 26.13 2.32
C PRO B 26 21.96 24.79 2.33
N LEU B 27 21.66 23.96 1.33
CA LEU B 27 22.18 22.61 1.17
C LEU B 27 22.46 22.28 -0.28
N THR B 28 23.50 21.47 -0.51
CA THR B 28 23.81 21.05 -1.86
C THR B 28 23.77 19.53 -1.90
N VAL B 29 22.88 19.02 -2.72
CA VAL B 29 22.70 17.59 -2.94
C VAL B 29 23.43 17.21 -4.24
N THR B 30 24.31 16.21 -4.14
CA THR B 30 24.97 15.67 -5.32
C THR B 30 24.11 14.54 -5.85
N LEU B 31 23.87 14.50 -7.15
CA LEU B 31 23.05 13.45 -7.75
C LEU B 31 23.83 12.67 -8.80
N GLY B 32 23.43 11.42 -8.98
CA GLY B 32 24.06 10.54 -9.94
C GLY B 32 23.24 9.32 -10.27
N PHE B 33 23.24 8.92 -11.55
CA PHE B 33 22.45 7.79 -11.97
C PHE B 33 23.28 6.65 -12.48
N THR B 34 22.84 5.45 -12.14
CA THR B 34 23.39 4.19 -12.62
C THR B 34 22.22 3.51 -13.32
N LEU B 35 22.14 3.66 -14.65
CA LEU B 35 21.05 3.08 -15.45
C LEU B 35 21.26 1.58 -15.59
N GLN B 36 20.27 0.78 -15.11
CA GLN B 36 20.35 -0.69 -15.13
C GLN B 36 19.58 -1.29 -16.32
N ASP B 37 18.36 -0.80 -16.66
CA ASP B 37 17.59 -1.39 -17.78
C ASP B 37 16.53 -0.42 -18.23
N ILE B 38 16.21 -0.46 -19.54
CA ILE B 38 15.04 0.19 -20.18
C ILE B 38 14.11 -0.99 -20.35
N VAL B 39 13.25 -1.21 -19.35
CA VAL B 39 12.42 -2.41 -19.26
C VAL B 39 11.33 -2.48 -20.33
N LYS B 40 10.46 -1.52 -20.33
CA LYS B 40 9.32 -1.45 -21.21
C LYS B 40 9.29 -0.08 -21.90
N VAL B 41 8.68 -0.05 -23.08
CA VAL B 41 8.46 1.12 -23.91
C VAL B 41 7.02 0.99 -24.38
N ASP B 42 6.17 1.93 -23.99
CA ASP B 42 4.76 1.86 -24.36
C ASP B 42 4.48 2.94 -25.37
N SER B 43 4.51 2.53 -26.63
CA SER B 43 4.26 3.29 -27.84
C SER B 43 2.88 3.90 -27.84
N SER B 44 1.88 3.22 -27.26
CA SER B 44 0.49 3.68 -27.25
C SER B 44 0.22 4.83 -26.24
N THR B 45 1.05 4.95 -25.18
CA THR B 45 0.86 6.01 -24.17
C THR B 45 2.10 6.91 -24.01
N ASN B 46 3.14 6.65 -24.81
CA ASN B 46 4.43 7.34 -24.76
C ASN B 46 4.95 7.41 -23.30
N GLU B 47 5.03 6.22 -22.70
CA GLU B 47 5.50 5.92 -21.36
C GLU B 47 6.69 4.97 -21.45
N VAL B 48 7.81 5.30 -20.78
CA VAL B 48 9.01 4.44 -20.78
C VAL B 48 9.39 4.14 -19.35
N ASP B 49 9.71 2.88 -19.10
CA ASP B 49 10.08 2.42 -17.76
C ASP B 49 11.60 2.21 -17.65
N LEU B 50 12.24 2.89 -16.69
CA LEU B 50 13.67 2.70 -16.40
C LEU B 50 13.87 2.09 -15.03
N VAL B 51 14.85 1.17 -14.92
CA VAL B 51 15.32 0.60 -13.67
C VAL B 51 16.73 1.17 -13.47
N TYR B 52 16.91 1.86 -12.34
CA TYR B 52 18.19 2.52 -12.04
C TYR B 52 18.37 2.72 -10.53
N TYR B 53 19.53 3.21 -10.14
CA TYR B 53 19.73 3.61 -8.76
C TYR B 53 20.39 4.94 -8.78
N GLU B 54 19.78 5.87 -8.03
CA GLU B 54 20.12 7.28 -7.90
C GLU B 54 21.00 7.53 -6.67
N GLN B 55 22.18 8.12 -6.87
CA GLN B 55 23.09 8.46 -5.78
C GLN B 55 22.72 9.83 -5.28
N GLN B 56 22.25 9.88 -4.05
CA GLN B 56 21.89 11.11 -3.34
C GLN B 56 23.04 11.40 -2.35
N ARG B 57 23.54 12.64 -2.27
CA ARG B 57 24.66 12.89 -1.36
C ARG B 57 24.65 14.30 -0.83
N TRP B 58 24.53 14.44 0.50
CA TRP B 58 24.51 15.75 1.15
C TRP B 58 25.31 15.72 2.46
N LYS B 59 25.54 16.89 3.07
CA LYS B 59 26.29 17.02 4.30
C LYS B 59 25.53 17.92 5.29
N LEU B 60 25.50 17.52 6.55
CA LEU B 60 24.85 18.29 7.62
C LEU B 60 25.83 18.50 8.77
N ASN B 61 25.96 19.74 9.26
CA ASN B 61 26.82 20.06 10.40
C ASN B 61 26.21 19.39 11.65
N SER B 62 24.89 19.17 11.59
CA SER B 62 24.04 18.52 12.56
C SER B 62 24.54 17.07 12.84
N LEU B 63 24.89 16.32 11.79
CA LEU B 63 25.29 14.92 11.88
C LEU B 63 26.80 14.72 12.01
N MET B 64 27.54 15.75 12.38
CA MET B 64 28.99 15.63 12.55
C MET B 64 29.34 15.07 13.93
N TRP B 65 30.54 14.44 14.06
CA TRP B 65 31.06 13.92 15.34
C TRP B 65 32.57 13.68 15.31
N ASP B 66 33.18 13.65 16.53
CA ASP B 66 34.58 13.35 16.76
C ASP B 66 34.67 11.83 16.91
N PRO B 67 35.26 11.09 15.94
CA PRO B 67 35.29 9.63 16.05
C PRO B 67 36.05 9.14 17.28
N ASN B 68 37.03 9.93 17.74
CA ASN B 68 37.86 9.65 18.94
C ASN B 68 37.02 9.76 20.24
N GLU B 69 35.86 10.43 20.17
CA GLU B 69 34.91 10.60 21.28
C GLU B 69 33.92 9.43 21.34
N TYR B 70 33.80 8.66 20.23
CA TYR B 70 32.88 7.55 20.08
C TYR B 70 33.58 6.25 19.63
N GLY B 71 34.74 5.95 20.22
CA GLY B 71 35.51 4.76 19.95
C GLY B 71 35.88 4.52 18.50
N ASN B 72 36.63 5.48 17.91
CA ASN B 72 37.16 5.52 16.55
C ASN B 72 36.21 4.85 15.53
N ILE B 73 35.04 5.49 15.27
CA ILE B 73 34.06 5.02 14.29
C ILE B 73 33.78 6.18 13.35
N THR B 74 34.18 6.00 12.08
CA THR B 74 34.11 6.98 11.01
C THR B 74 32.72 7.13 10.42
N ASP B 75 32.06 6.00 10.08
CA ASP B 75 30.76 5.98 9.42
C ASP B 75 29.88 4.87 9.98
N PHE B 76 28.56 5.00 9.76
CA PHE B 76 27.55 4.04 10.18
C PHE B 76 26.33 4.06 9.25
N ARG B 77 25.61 2.93 9.20
CA ARG B 77 24.40 2.77 8.42
C ARG B 77 23.21 3.03 9.31
N THR B 78 22.21 3.75 8.80
CA THR B 78 20.98 4.02 9.53
C THR B 78 19.79 4.09 8.56
N SER B 79 18.59 3.78 9.08
CA SER B 79 17.37 3.85 8.31
C SER B 79 17.14 5.29 7.91
N ALA B 80 16.72 5.49 6.66
CA ALA B 80 16.44 6.80 6.09
C ALA B 80 15.39 7.57 6.89
N ALA B 81 14.60 6.86 7.72
CA ALA B 81 13.57 7.44 8.57
C ALA B 81 14.18 8.27 9.69
N ASP B 82 15.33 7.84 10.22
CA ASP B 82 16.08 8.50 11.31
C ASP B 82 16.66 9.86 10.91
N ILE B 83 16.79 10.11 9.58
CA ILE B 83 17.41 11.32 9.06
C ILE B 83 16.53 12.08 8.07
N TRP B 84 16.92 13.33 7.80
CA TRP B 84 16.25 14.12 6.78
C TRP B 84 16.76 13.61 5.43
N THR B 85 15.88 13.54 4.43
CA THR B 85 16.27 13.13 3.07
C THR B 85 15.71 14.14 2.04
N PRO B 86 16.46 14.43 0.94
CA PRO B 86 16.00 15.40 -0.04
C PRO B 86 14.82 14.87 -0.83
N ASP B 87 13.86 15.75 -1.13
CA ASP B 87 12.66 15.43 -1.85
C ASP B 87 12.90 15.47 -3.37
N ILE B 88 13.91 14.71 -3.84
CA ILE B 88 14.25 14.63 -5.26
C ILE B 88 13.17 13.87 -5.95
N THR B 89 12.42 14.58 -6.82
CA THR B 89 11.26 14.11 -7.60
C THR B 89 11.54 14.18 -9.10
N ALA B 90 10.98 13.22 -9.86
CA ALA B 90 11.09 13.23 -11.33
C ALA B 90 9.87 13.95 -11.87
N TYR B 91 10.07 15.07 -12.56
CA TYR B 91 9.01 15.94 -13.05
C TYR B 91 8.02 15.22 -14.03
N SER B 92 8.53 14.60 -15.15
CA SER B 92 7.72 13.90 -16.17
C SER B 92 7.25 12.50 -15.76
N SER B 93 7.27 12.13 -14.45
CA SER B 93 6.78 10.79 -14.01
C SER B 93 5.31 10.65 -14.30
N THR B 94 4.88 9.43 -14.71
CA THR B 94 3.47 9.15 -15.03
C THR B 94 2.83 8.19 -14.02
N ARG B 95 3.63 7.59 -13.17
CA ARG B 95 3.21 6.64 -12.16
C ARG B 95 4.16 6.74 -10.97
N PRO B 96 3.72 6.50 -9.71
CA PRO B 96 4.66 6.60 -8.57
C PRO B 96 5.92 5.72 -8.70
N VAL B 97 7.14 6.27 -8.38
CA VAL B 97 8.34 5.44 -8.49
C VAL B 97 8.26 4.31 -7.51
N GLN B 98 8.64 3.10 -7.97
CA GLN B 98 8.65 1.90 -7.15
C GLN B 98 10.02 1.78 -6.52
N VAL B 99 10.08 1.61 -5.18
CA VAL B 99 11.39 1.46 -4.53
C VAL B 99 11.81 0.00 -4.65
N LEU B 100 13.02 -0.20 -5.11
CA LEU B 100 13.60 -1.50 -5.39
C LEU B 100 14.79 -1.84 -4.45
N SER B 101 15.11 -0.93 -3.49
CA SER B 101 16.21 -1.10 -2.53
C SER B 101 15.83 -0.68 -1.09
N PRO B 102 16.52 -1.21 -0.05
CA PRO B 102 16.27 -0.78 1.34
C PRO B 102 16.47 0.73 1.57
N GLN B 103 15.67 1.28 2.50
CA GLN B 103 15.69 2.69 2.87
C GLN B 103 16.75 2.90 3.95
N ILE B 104 18.01 2.67 3.59
CA ILE B 104 19.16 2.82 4.49
C ILE B 104 20.17 3.73 3.82
N ALA B 105 20.77 4.61 4.62
CA ALA B 105 21.78 5.55 4.19
C ALA B 105 23.01 5.42 5.08
N VAL B 106 24.17 5.94 4.63
CA VAL B 106 25.40 5.85 5.42
C VAL B 106 25.83 7.25 5.84
N VAL B 107 25.93 7.45 7.17
CA VAL B 107 26.32 8.74 7.76
C VAL B 107 27.79 8.69 8.15
N THR B 108 28.58 9.69 7.73
CA THR B 108 30.01 9.79 8.04
C THR B 108 30.26 10.94 9.01
N HIS B 109 31.29 10.84 9.88
CA HIS B 109 31.63 11.78 10.96
C HIS B 109 31.68 13.26 10.55
N ASP B 110 31.94 13.56 9.26
CA ASP B 110 31.97 14.93 8.75
C ASP B 110 30.53 15.40 8.45
N GLY B 111 29.54 14.58 8.84
CA GLY B 111 28.12 14.84 8.63
C GLY B 111 27.62 14.54 7.25
N SER B 112 28.47 13.96 6.37
CA SER B 112 28.08 13.62 4.99
C SER B 112 27.23 12.34 4.92
N VAL B 113 26.13 12.41 4.15
CA VAL B 113 25.16 11.34 3.96
C VAL B 113 25.18 10.82 2.52
N MET B 114 25.18 9.49 2.38
CA MET B 114 25.13 8.79 1.11
C MET B 114 23.88 7.90 1.12
N PHE B 115 22.96 8.17 0.20
CA PHE B 115 21.70 7.44 0.06
C PHE B 115 21.55 6.97 -1.39
N ILE B 116 21.49 5.65 -1.61
CA ILE B 116 21.44 5.13 -2.97
C ILE B 116 20.10 4.37 -3.23
N PRO B 117 18.96 5.09 -3.47
CA PRO B 117 17.70 4.39 -3.71
C PRO B 117 17.63 3.69 -5.08
N ALA B 118 17.27 2.40 -5.12
CA ALA B 118 17.06 1.74 -6.42
C ALA B 118 15.60 1.94 -6.82
N GLN B 119 15.36 2.41 -8.06
CA GLN B 119 13.97 2.69 -8.46
C GLN B 119 13.62 2.20 -9.85
N ARG B 120 12.29 2.01 -10.05
CA ARG B 120 11.63 1.76 -11.31
C ARG B 120 10.80 2.98 -11.55
N LEU B 121 11.15 3.79 -12.60
CA LEU B 121 10.45 5.04 -12.91
C LEU B 121 9.72 4.96 -14.24
N SER B 122 8.43 5.41 -14.24
CA SER B 122 7.68 5.48 -15.48
C SER B 122 7.49 6.93 -15.82
N PHE B 123 8.11 7.36 -16.95
CA PHE B 123 8.08 8.76 -17.34
C PHE B 123 7.62 8.95 -18.79
N MET B 124 7.28 10.20 -19.12
CA MET B 124 6.82 10.61 -20.42
C MET B 124 7.99 10.59 -21.37
N CYS B 125 7.83 9.80 -22.45
CA CYS B 125 8.85 9.58 -23.48
C CYS B 125 8.21 9.00 -24.77
N ASP B 126 8.30 9.73 -25.91
CA ASP B 126 7.79 9.26 -27.20
C ASP B 126 8.85 8.37 -27.79
N PRO B 127 8.60 7.05 -27.90
CA PRO B 127 9.64 6.15 -28.38
C PRO B 127 9.72 6.02 -29.89
N THR B 128 8.96 6.84 -30.64
CA THR B 128 8.92 6.80 -32.11
C THR B 128 10.36 6.86 -32.65
N GLY B 129 10.75 5.81 -33.37
CA GLY B 129 12.09 5.70 -33.94
C GLY B 129 13.07 4.83 -33.18
N VAL B 130 12.59 4.10 -32.16
CA VAL B 130 13.42 3.20 -31.37
C VAL B 130 13.81 1.98 -32.23
N ASP B 131 12.94 1.59 -33.20
CA ASP B 131 13.13 0.49 -34.14
C ASP B 131 14.20 0.83 -35.22
N SER B 132 14.67 2.11 -35.27
CA SER B 132 15.71 2.57 -36.20
C SER B 132 17.13 2.39 -35.62
N GLU B 133 18.14 2.59 -36.48
CA GLU B 133 19.57 2.55 -36.17
C GLU B 133 19.99 3.80 -35.40
N GLU B 134 19.37 4.95 -35.73
CA GLU B 134 19.63 6.26 -35.13
C GLU B 134 19.12 6.30 -33.69
N GLY B 135 18.11 5.50 -33.39
CA GLY B 135 17.51 5.44 -32.06
C GLY B 135 16.56 6.59 -31.75
N VAL B 136 16.17 6.69 -30.47
CA VAL B 136 15.27 7.72 -29.96
C VAL B 136 15.87 8.29 -28.66
N THR B 137 15.71 9.61 -28.48
CA THR B 137 16.24 10.31 -27.30
C THR B 137 15.09 10.73 -26.42
N CYS B 138 15.24 10.54 -25.10
CA CYS B 138 14.24 10.91 -24.10
C CYS B 138 14.90 11.53 -22.91
N ALA B 139 14.15 12.39 -22.22
CA ALA B 139 14.68 13.07 -21.04
C ALA B 139 13.66 13.13 -19.89
N VAL B 140 14.19 13.25 -18.67
CA VAL B 140 13.44 13.35 -17.40
C VAL B 140 14.26 14.21 -16.40
N LYS B 141 13.58 15.22 -15.81
CA LYS B 141 14.21 16.13 -14.86
C LYS B 141 14.03 15.65 -13.44
N PHE B 142 15.12 15.56 -12.69
CA PHE B 142 15.09 15.19 -11.28
C PHE B 142 15.49 16.39 -10.46
N GLY B 143 14.69 16.75 -9.49
CA GLY B 143 14.99 17.90 -8.64
C GLY B 143 14.08 17.93 -7.44
N SER B 144 14.42 18.79 -6.43
CA SER B 144 13.55 18.93 -5.25
C SER B 144 12.23 19.51 -5.68
N TRP B 145 11.15 18.91 -5.24
CA TRP B 145 9.82 19.38 -5.62
C TRP B 145 9.48 20.75 -4.96
N VAL B 146 9.77 20.90 -3.65
CA VAL B 146 9.37 22.05 -2.85
C VAL B 146 10.47 23.07 -2.56
N TYR B 147 11.76 22.68 -2.64
CA TYR B 147 12.85 23.60 -2.28
C TYR B 147 13.50 24.21 -3.51
N SER B 148 13.71 25.54 -3.47
CA SER B 148 14.31 26.31 -4.56
C SER B 148 15.83 26.19 -4.65
N GLY B 149 16.44 27.11 -5.38
CA GLY B 149 17.88 27.13 -5.50
C GLY B 149 18.57 27.63 -4.24
N PHE B 150 17.90 28.44 -3.43
CA PHE B 150 18.50 29.03 -2.26
C PHE B 150 18.31 28.11 -1.04
N GLU B 151 17.58 26.99 -1.20
CA GLU B 151 17.45 26.03 -0.13
C GLU B 151 18.15 24.71 -0.56
N ILE B 152 17.88 24.18 -1.76
CA ILE B 152 18.59 22.98 -2.22
C ILE B 152 19.22 23.21 -3.60
N ASP B 153 20.57 23.16 -3.67
CA ASP B 153 21.28 23.21 -4.95
C ASP B 153 21.63 21.78 -5.32
N LEU B 154 21.76 21.52 -6.62
CA LEU B 154 22.09 20.20 -7.13
C LEU B 154 23.43 20.28 -7.82
N LYS B 155 24.20 19.18 -7.76
CA LYS B 155 25.51 19.08 -8.38
C LYS B 155 25.70 17.64 -8.88
N THR B 156 26.45 17.44 -9.98
CA THR B 156 26.77 16.10 -10.47
C THR B 156 28.27 15.96 -10.51
N ASP B 157 28.79 14.82 -10.05
CA ASP B 157 30.24 14.59 -10.10
C ASP B 157 30.71 14.42 -11.55
N THR B 158 29.84 13.93 -12.43
CA THR B 158 30.05 13.68 -13.86
C THR B 158 28.77 13.88 -14.66
N ASP B 159 28.91 14.28 -15.93
CA ASP B 159 27.80 14.45 -16.85
C ASP B 159 27.45 13.10 -17.50
N GLN B 160 28.32 12.06 -17.32
CA GLN B 160 28.12 10.72 -17.88
C GLN B 160 27.43 9.80 -16.91
N VAL B 161 26.23 9.29 -17.29
CA VAL B 161 25.44 8.34 -16.51
C VAL B 161 26.21 7.02 -16.47
N ASP B 162 26.20 6.34 -15.32
CA ASP B 162 26.93 5.09 -15.10
C ASP B 162 26.24 3.92 -15.80
N LEU B 163 26.82 3.48 -16.91
CA LEU B 163 26.21 2.38 -17.65
C LEU B 163 26.92 1.08 -17.40
N SER B 164 27.89 1.10 -16.45
CA SER B 164 28.71 -0.07 -16.10
C SER B 164 27.83 -1.25 -15.60
N SER B 165 26.62 -0.96 -15.07
CA SER B 165 25.71 -1.98 -14.57
C SER B 165 24.43 -2.04 -15.41
N TYR B 166 24.53 -1.57 -16.68
CA TYR B 166 23.41 -1.65 -17.62
C TYR B 166 23.24 -3.08 -18.11
N TYR B 167 22.00 -3.59 -18.01
CA TYR B 167 21.60 -4.95 -18.38
C TYR B 167 22.02 -5.26 -19.80
N ALA B 168 22.97 -6.19 -19.90
CA ALA B 168 23.54 -6.65 -21.15
C ALA B 168 22.48 -7.18 -22.13
N SER B 169 21.67 -8.18 -21.70
CA SER B 169 20.64 -8.80 -22.53
C SER B 169 19.32 -7.95 -22.58
N SER B 170 19.38 -6.61 -22.29
CA SER B 170 18.20 -5.71 -22.35
C SER B 170 17.65 -5.65 -23.77
N LYS B 171 16.33 -5.36 -23.91
CA LYS B 171 15.67 -5.23 -25.22
C LYS B 171 16.11 -3.96 -25.96
N TYR B 172 16.61 -2.96 -25.21
CA TYR B 172 17.06 -1.68 -25.74
C TYR B 172 18.50 -1.41 -25.38
N GLU B 173 19.33 -1.16 -26.41
CA GLU B 173 20.77 -0.83 -26.35
C GLU B 173 20.97 0.64 -25.97
N ILE B 174 22.03 1.03 -25.21
CA ILE B 174 22.16 2.46 -24.89
C ILE B 174 23.07 3.13 -25.90
N LEU B 175 22.65 4.26 -26.43
CA LEU B 175 23.44 5.00 -27.40
C LEU B 175 24.16 6.17 -26.75
N SER B 176 23.60 6.71 -25.65
CA SER B 176 24.14 7.79 -24.82
C SER B 176 23.25 8.00 -23.59
N ALA B 177 23.85 8.33 -22.46
CA ALA B 177 23.13 8.61 -21.22
C ALA B 177 23.88 9.71 -20.44
N THR B 178 23.21 10.87 -20.23
CA THR B 178 23.84 12.02 -19.54
C THR B 178 22.98 12.67 -18.42
N GLN B 179 23.64 12.97 -17.28
CA GLN B 179 23.10 13.67 -16.11
C GLN B 179 23.58 15.13 -16.17
N THR B 180 22.64 16.07 -16.40
CA THR B 180 23.03 17.45 -16.60
C THR B 180 22.23 18.44 -15.75
N ARG B 181 22.95 19.16 -14.86
CA ARG B 181 22.37 20.19 -14.00
C ARG B 181 21.82 21.35 -14.83
N GLN B 182 20.61 21.77 -14.47
CA GLN B 182 19.95 22.89 -15.13
C GLN B 182 19.14 23.69 -14.14
N VAL B 183 19.00 25.00 -14.42
CA VAL B 183 18.26 25.96 -13.60
C VAL B 183 16.98 26.29 -14.36
N GLN B 184 15.86 26.08 -13.69
CA GLN B 184 14.50 26.24 -14.17
C GLN B 184 13.84 27.41 -13.52
N HIS B 185 13.02 28.17 -14.26
CA HIS B 185 12.28 29.27 -13.65
C HIS B 185 10.84 29.01 -13.81
N TYR B 186 10.07 29.10 -12.70
CA TYR B 186 8.65 28.81 -12.83
C TYR B 186 7.86 30.10 -12.64
N SER B 187 6.74 30.23 -13.35
CA SER B 187 5.86 31.40 -13.37
C SER B 187 5.48 31.80 -11.95
N CYS B 188 5.06 30.80 -11.13
CA CYS B 188 4.59 30.82 -9.74
C CYS B 188 5.55 31.41 -8.77
N CYS B 189 6.82 31.13 -8.96
CA CYS B 189 7.84 31.22 -7.95
C CYS B 189 9.01 32.13 -8.31
N PRO B 190 9.41 32.96 -7.31
CA PRO B 190 10.46 33.98 -7.53
C PRO B 190 11.87 33.43 -7.63
N GLU B 191 12.12 32.43 -6.86
CA GLU B 191 13.38 31.72 -6.79
C GLU B 191 13.43 30.71 -7.96
N PRO B 192 14.62 30.50 -8.56
CA PRO B 192 14.74 29.44 -9.58
C PRO B 192 14.68 28.07 -8.91
N TYR B 193 14.52 27.01 -9.71
CA TYR B 193 14.45 25.67 -9.19
C TYR B 193 15.43 24.78 -9.95
N ILE B 194 16.37 24.16 -9.23
CA ILE B 194 17.42 23.35 -9.86
C ILE B 194 17.03 21.85 -10.01
N ASP B 195 17.49 21.28 -11.12
CA ASP B 195 17.28 19.88 -11.46
C ASP B 195 18.51 19.30 -12.16
N VAL B 196 18.49 17.96 -12.35
CA VAL B 196 19.48 17.22 -13.10
C VAL B 196 18.69 16.49 -14.18
N ASN B 197 18.95 16.87 -15.45
CA ASN B 197 18.25 16.30 -16.60
C ASN B 197 18.95 15.02 -17.01
N LEU B 198 18.22 13.91 -16.91
CA LEU B 198 18.66 12.59 -17.31
C LEU B 198 18.25 12.44 -18.78
N VAL B 199 19.24 12.37 -19.70
CA VAL B 199 18.99 12.30 -21.15
C VAL B 199 19.55 11.03 -21.72
N VAL B 200 18.65 10.12 -22.13
CA VAL B 200 19.05 8.82 -22.63
C VAL B 200 18.61 8.62 -24.10
N LYS B 201 19.56 8.22 -24.95
CA LYS B 201 19.38 7.91 -26.35
C LYS B 201 19.55 6.41 -26.47
N PHE B 202 18.54 5.71 -26.99
CA PHE B 202 18.52 4.24 -27.06
C PHE B 202 17.79 3.72 -28.29
N ARG B 203 17.92 2.43 -28.55
CA ARG B 203 17.29 1.74 -29.68
C ARG B 203 17.09 0.27 -29.31
N GLU B 204 16.25 -0.46 -30.08
CA GLU B 204 16.11 -1.89 -29.83
C GLU B 204 17.31 -2.65 -30.46
N ARG B 205 17.84 -3.65 -29.74
CA ARG B 205 18.91 -4.56 -30.12
C ARG B 205 19.14 -4.66 -31.65
N GLN C 1 18.42 25.18 11.86
CA GLN C 1 18.53 26.18 12.91
C GLN C 1 17.37 26.08 13.90
N ALA C 2 17.67 26.54 15.15
CA ALA C 2 16.78 26.54 16.32
C ALA C 2 15.61 27.52 16.18
N ASN C 3 15.80 28.63 15.40
CA ASN C 3 14.77 29.64 15.18
C ASN C 3 13.56 29.05 14.46
N LEU C 4 13.79 28.19 13.46
CA LEU C 4 12.71 27.51 12.72
C LEU C 4 12.10 26.40 13.56
N MET C 5 12.95 25.61 14.25
CA MET C 5 12.51 24.51 15.10
C MET C 5 11.51 25.03 16.15
N ARG C 6 11.86 26.17 16.81
CA ARG C 6 11.03 26.86 17.82
C ARG C 6 9.71 27.33 17.19
N LEU C 7 9.74 27.94 15.97
CA LEU C 7 8.55 28.40 15.25
C LEU C 7 7.64 27.22 14.96
N LYS C 8 8.20 26.14 14.43
CA LYS C 8 7.50 24.91 14.09
C LYS C 8 6.83 24.33 15.35
N SER C 9 7.56 24.38 16.50
CA SER C 9 7.09 23.92 17.81
C SER C 9 5.92 24.80 18.31
N ASP C 10 6.11 26.13 18.32
CA ASP C 10 5.12 27.10 18.80
C ASP C 10 3.84 27.09 17.95
N LEU C 11 3.96 26.75 16.67
CA LEU C 11 2.81 26.67 15.78
C LEU C 11 2.05 25.34 15.91
N PHE C 12 2.77 24.21 15.80
CA PHE C 12 2.16 22.89 15.74
C PHE C 12 2.03 22.13 17.06
N ASN C 13 3.04 22.19 17.95
CA ASN C 13 3.01 21.45 19.22
C ASN C 13 2.27 22.20 20.33
N ARG C 14 2.51 23.52 20.47
CA ARG C 14 1.93 24.37 21.52
C ARG C 14 0.43 24.66 21.33
N SER C 15 -0.04 24.76 20.07
CA SER C 15 -1.45 25.02 19.75
C SER C 15 -2.14 23.74 19.21
N PRO C 16 -3.47 23.54 19.44
CA PRO C 16 -4.16 22.35 18.84
C PRO C 16 -4.37 22.51 17.34
N MET C 17 -4.51 21.38 16.60
CA MET C 17 -4.66 21.47 15.13
C MET C 17 -6.02 22.08 14.76
N TYR C 18 -6.00 22.91 13.68
CA TYR C 18 -7.13 23.63 13.11
C TYR C 18 -8.25 22.62 12.81
N PRO C 19 -9.44 22.86 13.38
CA PRO C 19 -10.53 21.90 13.27
C PRO C 19 -11.28 21.91 11.94
N GLY C 20 -10.71 22.59 10.95
CA GLY C 20 -11.30 22.75 9.63
C GLY C 20 -12.29 23.91 9.58
N PRO C 21 -12.70 24.32 8.37
CA PRO C 21 -13.65 25.44 8.26
C PRO C 21 -15.05 25.12 8.77
N THR C 22 -15.77 26.16 9.21
CA THR C 22 -17.15 26.06 9.69
C THR C 22 -18.02 27.00 8.86
N LYS C 23 -19.32 27.04 9.15
CA LYS C 23 -20.25 27.96 8.51
C LYS C 23 -19.91 29.38 9.03
N ASP C 24 -19.59 29.47 10.35
CA ASP C 24 -19.22 30.67 11.11
C ASP C 24 -17.83 31.18 10.69
N ASP C 25 -16.86 30.28 10.52
CA ASP C 25 -15.53 30.64 10.04
C ASP C 25 -15.27 29.89 8.70
N PRO C 26 -15.71 30.48 7.58
CA PRO C 26 -15.49 29.83 6.28
C PRO C 26 -14.05 30.02 5.82
N LEU C 27 -13.71 29.35 4.72
CA LEU C 27 -12.40 29.35 4.10
C LEU C 27 -12.51 29.39 2.61
N THR C 28 -11.54 30.04 1.96
CA THR C 28 -11.52 30.09 0.50
C THR C 28 -10.23 29.47 0.03
N VAL C 29 -10.36 28.36 -0.71
CA VAL C 29 -9.24 27.64 -1.29
C VAL C 29 -9.09 28.04 -2.75
N THR C 30 -7.89 28.45 -3.12
CA THR C 30 -7.60 28.76 -4.51
C THR C 30 -7.12 27.47 -5.17
N LEU C 31 -7.64 27.18 -6.37
CA LEU C 31 -7.22 25.98 -7.09
C LEU C 31 -6.63 26.35 -8.45
N GLY C 32 -5.71 25.51 -8.88
CA GLY C 32 -5.01 25.69 -10.14
C GLY C 32 -4.49 24.41 -10.71
N PHE C 33 -4.55 24.28 -12.03
CA PHE C 33 -4.04 23.08 -12.63
C PHE C 33 -2.94 23.38 -13.62
N THR C 34 -1.92 22.50 -13.59
CA THR C 34 -0.83 22.50 -14.53
C THR C 34 -0.89 21.16 -15.20
N LEU C 35 -1.57 21.08 -16.39
CA LEU C 35 -1.71 19.82 -17.12
C LEU C 35 -0.39 19.45 -17.81
N GLN C 36 0.15 18.26 -17.43
CA GLN C 36 1.43 17.76 -17.95
C GLN C 36 1.22 16.77 -19.09
N ASP C 37 0.17 15.92 -18.99
CA ASP C 37 -0.10 14.91 -20.00
C ASP C 37 -1.51 14.32 -19.91
N ILE C 38 -1.96 13.83 -21.07
CA ILE C 38 -3.08 12.96 -21.30
C ILE C 38 -2.36 11.67 -21.69
N VAL C 39 -2.11 10.81 -20.70
CA VAL C 39 -1.30 9.62 -20.87
C VAL C 39 -1.98 8.54 -21.68
N LYS C 40 -3.14 8.08 -21.21
CA LYS C 40 -3.92 6.98 -21.78
C LYS C 40 -5.36 7.41 -22.00
N VAL C 41 -5.98 6.79 -22.98
CA VAL C 41 -7.37 6.98 -23.34
C VAL C 41 -7.93 5.56 -23.56
N ASP C 42 -8.92 5.16 -22.73
CA ASP C 42 -9.49 3.83 -22.86
C ASP C 42 -10.88 3.94 -23.38
N SER C 43 -10.98 3.77 -24.69
CA SER C 43 -12.18 3.79 -25.51
C SER C 43 -13.19 2.74 -25.08
N SER C 44 -12.75 1.59 -24.57
CA SER C 44 -13.61 0.49 -24.17
C SER C 44 -14.32 0.73 -22.82
N THR C 45 -13.74 1.56 -21.93
CA THR C 45 -14.35 1.84 -20.62
C THR C 45 -14.66 3.33 -20.41
N ASN C 46 -14.36 4.16 -21.43
CA ASN C 46 -14.53 5.61 -21.43
C ASN C 46 -13.88 6.19 -20.15
N GLU C 47 -12.60 5.83 -19.99
CA GLU C 47 -11.69 6.25 -18.93
C GLU C 47 -10.50 6.98 -19.56
N VAL C 48 -10.18 8.18 -19.06
CA VAL C 48 -9.03 8.95 -19.53
C VAL C 48 -8.07 9.26 -18.35
N ASP C 49 -6.77 9.10 -18.57
CA ASP C 49 -5.78 9.33 -17.53
C ASP C 49 -5.05 10.64 -17.76
N LEU C 50 -5.06 11.54 -16.76
CA LEU C 50 -4.32 12.81 -16.80
C LEU C 50 -3.19 12.83 -15.77
N VAL C 51 -2.01 13.41 -16.18
CA VAL C 51 -0.89 13.68 -15.29
C VAL C 51 -0.81 15.19 -15.21
N TYR C 52 -0.79 15.73 -13.97
CA TYR C 52 -0.82 17.17 -13.66
C TYR C 52 -0.41 17.43 -12.23
N TYR C 53 -0.27 18.71 -11.86
CA TYR C 53 -0.06 19.08 -10.48
C TYR C 53 -0.99 20.24 -10.17
N GLU C 54 -1.65 20.11 -9.03
CA GLU C 54 -2.72 21.00 -8.60
C GLU C 54 -2.22 22.02 -7.58
N GLN C 55 -2.46 23.31 -7.85
CA GLN C 55 -2.15 24.36 -6.89
C GLN C 55 -3.30 24.44 -5.85
N GLN C 56 -2.98 24.22 -4.57
CA GLN C 56 -3.92 24.38 -3.45
C GLN C 56 -3.34 25.50 -2.58
N ARG C 57 -4.02 26.64 -2.52
CA ARG C 57 -3.57 27.79 -1.75
C ARG C 57 -4.69 28.29 -0.83
N TRP C 58 -4.38 28.43 0.49
CA TRP C 58 -5.30 28.94 1.52
C TRP C 58 -4.53 29.64 2.68
N LYS C 59 -5.17 30.57 3.41
CA LYS C 59 -4.55 31.31 4.48
C LYS C 59 -5.30 31.08 5.77
N LEU C 60 -4.57 30.81 6.86
CA LEU C 60 -5.09 30.60 8.23
C LEU C 60 -4.50 31.61 9.19
N ASN C 61 -5.34 32.24 10.03
CA ASN C 61 -4.85 33.21 11.03
C ASN C 61 -4.02 32.45 12.07
N SER C 62 -4.35 31.14 12.20
CA SER C 62 -3.73 30.15 13.04
C SER C 62 -2.22 30.01 12.75
N LEU C 63 -1.85 29.97 11.46
CA LEU C 63 -0.47 29.78 11.01
C LEU C 63 0.32 31.08 10.78
N MET C 64 -0.17 32.20 11.31
CA MET C 64 0.53 33.48 11.17
C MET C 64 1.63 33.62 12.19
N TRP C 65 2.65 34.47 11.90
CA TRP C 65 3.74 34.80 12.84
C TRP C 65 4.47 36.09 12.43
N ASP C 66 5.14 36.70 13.43
CA ASP C 66 5.98 37.88 13.29
C ASP C 66 7.36 37.37 12.96
N PRO C 67 7.88 37.58 11.73
CA PRO C 67 9.20 37.02 11.39
C PRO C 67 10.33 37.57 12.25
N ASN C 68 10.17 38.81 12.75
CA ASN C 68 11.12 39.50 13.65
C ASN C 68 11.16 38.83 15.05
N GLU C 69 10.14 38.02 15.37
CA GLU C 69 10.02 37.26 16.63
C GLU C 69 10.70 35.89 16.51
N TYR C 70 10.93 35.43 15.26
CA TYR C 70 11.51 34.13 14.95
C TYR C 70 12.71 34.22 14.01
N GLY C 71 13.60 35.16 14.28
CA GLY C 71 14.83 35.35 13.53
C GLY C 71 14.68 35.55 12.04
N ASN C 72 13.91 36.60 11.65
CA ASN C 72 13.61 37.05 10.29
C ASN C 72 13.47 35.85 9.30
N ILE C 73 12.39 35.04 9.46
CA ILE C 73 12.11 33.92 8.57
C ILE C 73 10.67 34.07 8.10
N THR C 74 10.53 34.28 6.79
CA THR C 74 9.28 34.58 6.09
C THR C 74 8.43 33.34 5.83
N ASP C 75 9.04 32.28 5.29
CA ASP C 75 8.34 31.05 4.90
C ASP C 75 9.14 29.83 5.23
N PHE C 76 8.48 28.66 5.34
CA PHE C 76 9.13 27.37 5.60
C PHE C 76 8.34 26.22 4.97
N ARG C 77 9.06 25.12 4.68
CA ARG C 77 8.48 23.90 4.16
C ARG C 77 8.20 22.92 5.31
N THR C 78 7.02 22.26 5.27
CA THR C 78 6.63 21.28 6.28
C THR C 78 5.81 20.17 5.65
N SER C 79 5.79 19.01 6.29
CA SER C 79 5.00 17.88 5.82
C SER C 79 3.54 18.24 5.92
N ALA C 80 2.77 17.87 4.91
CA ALA C 80 1.34 18.12 4.84
C ALA C 80 0.58 17.51 6.02
N ALA C 81 1.18 16.53 6.71
CA ALA C 81 0.63 15.87 7.89
C ALA C 81 0.53 16.83 9.07
N ASP C 82 1.51 17.74 9.21
CA ASP C 82 1.60 18.75 10.27
C ASP C 82 0.47 19.79 10.21
N ILE C 83 -0.17 19.95 9.05
CA ILE C 83 -1.20 20.97 8.82
C ILE C 83 -2.51 20.41 8.30
N TRP C 84 -3.56 21.23 8.37
CA TRP C 84 -4.86 20.91 7.80
C TRP C 84 -4.73 21.13 6.30
N THR C 85 -5.32 20.25 5.51
CA THR C 85 -5.32 20.35 4.05
C THR C 85 -6.75 20.17 3.52
N PRO C 86 -7.15 20.90 2.44
CA PRO C 86 -8.53 20.77 1.95
C PRO C 86 -8.74 19.44 1.28
N ASP C 87 -9.94 18.85 1.46
CA ASP C 87 -10.29 17.54 0.88
C ASP C 87 -10.79 17.68 -0.56
N ILE C 88 -10.01 18.38 -1.42
CA ILE C 88 -10.36 18.55 -2.84
C ILE C 88 -10.31 17.17 -3.50
N THR C 89 -11.47 16.70 -4.01
CA THR C 89 -11.69 15.39 -4.64
C THR C 89 -12.19 15.57 -6.06
N ALA C 90 -11.88 14.62 -6.96
CA ALA C 90 -12.39 14.63 -8.33
C ALA C 90 -13.65 13.76 -8.36
N TYR C 91 -14.81 14.34 -8.69
CA TYR C 91 -16.09 13.65 -8.68
C TYR C 91 -16.16 12.41 -9.64
N SER C 92 -15.88 12.58 -10.95
CA SER C 92 -15.93 11.53 -11.96
C SER C 92 -14.72 10.55 -11.93
N SER C 93 -13.90 10.50 -10.83
CA SER C 93 -12.74 9.57 -10.75
C SER C 93 -13.21 8.14 -10.80
N THR C 94 -12.45 7.27 -11.48
CA THR C 94 -12.80 5.84 -11.60
C THR C 94 -11.83 4.94 -10.85
N ARG C 95 -10.70 5.50 -10.42
CA ARG C 95 -9.63 4.80 -9.71
C ARG C 95 -8.95 5.81 -8.78
N PRO C 96 -8.45 5.38 -7.59
CA PRO C 96 -7.83 6.35 -6.66
C PRO C 96 -6.70 7.18 -7.27
N VAL C 97 -6.64 8.51 -7.00
CA VAL C 97 -5.53 9.28 -7.61
C VAL C 97 -4.21 8.80 -7.06
N GLN C 98 -3.22 8.63 -7.94
CA GLN C 98 -1.86 8.26 -7.59
C GLN C 98 -1.03 9.51 -7.28
N VAL C 99 -0.39 9.57 -6.09
CA VAL C 99 0.39 10.78 -5.78
C VAL C 99 1.77 10.64 -6.42
N LEU C 100 2.19 11.68 -7.13
CA LEU C 100 3.41 11.72 -7.92
C LEU C 100 4.44 12.71 -7.38
N SER C 101 4.13 13.41 -6.27
CA SER C 101 5.02 14.39 -5.61
C SER C 101 5.07 14.23 -4.05
N PRO C 102 6.16 14.70 -3.39
CA PRO C 102 6.21 14.71 -1.91
C PRO C 102 5.05 15.47 -1.22
N GLN C 103 4.70 15.01 0.00
CA GLN C 103 3.60 15.59 0.77
C GLN C 103 4.14 16.70 1.63
N ILE C 104 4.71 17.72 0.99
CA ILE C 104 5.26 18.90 1.67
C ILE C 104 4.52 20.15 1.20
N ALA C 105 4.31 21.10 2.11
CA ALA C 105 3.67 22.35 1.78
C ALA C 105 4.57 23.52 2.21
N VAL C 106 4.22 24.75 1.79
CA VAL C 106 5.00 25.92 2.18
C VAL C 106 4.08 26.86 2.90
N VAL C 107 4.50 27.28 4.09
CA VAL C 107 3.72 28.16 4.96
C VAL C 107 4.41 29.53 5.11
N THR C 108 3.67 30.60 4.78
CA THR C 108 4.18 31.97 4.88
C THR C 108 3.67 32.59 6.17
N HIS C 109 4.48 33.52 6.75
CA HIS C 109 4.21 34.24 7.99
C HIS C 109 2.81 34.88 8.06
N ASP C 110 2.17 35.18 6.90
CA ASP C 110 0.82 35.75 6.88
C ASP C 110 -0.25 34.66 7.03
N GLY C 111 0.17 33.43 7.30
CA GLY C 111 -0.71 32.28 7.50
C GLY C 111 -1.15 31.58 6.25
N SER C 112 -0.57 31.94 5.10
CA SER C 112 -0.91 31.33 3.81
C SER C 112 -0.04 30.10 3.44
N VAL C 113 -0.74 28.96 3.26
CA VAL C 113 -0.24 27.62 2.87
C VAL C 113 -0.34 27.41 1.36
N MET C 114 0.73 26.90 0.79
CA MET C 114 0.79 26.56 -0.62
C MET C 114 1.09 25.07 -0.70
N PHE C 115 0.21 24.29 -1.35
CA PHE C 115 0.38 22.85 -1.50
C PHE C 115 0.18 22.46 -2.93
N ILE C 116 1.21 21.89 -3.55
CA ILE C 116 1.16 21.57 -4.99
C ILE C 116 1.31 20.01 -5.20
N PRO C 117 0.21 19.21 -4.95
CA PRO C 117 0.31 17.76 -5.18
C PRO C 117 0.36 17.37 -6.66
N ALA C 118 1.34 16.55 -7.06
CA ALA C 118 1.36 16.07 -8.43
C ALA C 118 0.54 14.76 -8.45
N GLN C 119 -0.43 14.64 -9.37
CA GLN C 119 -1.27 13.44 -9.41
C GLN C 119 -1.51 12.89 -10.80
N ARG C 120 -1.82 11.57 -10.85
CA ARG C 120 -2.30 10.83 -12.00
C ARG C 120 -3.72 10.49 -11.69
N LEU C 121 -4.69 11.04 -12.48
CA LEU C 121 -6.12 10.82 -12.24
C LEU C 121 -6.78 10.04 -13.38
N SER C 122 -7.60 9.03 -13.03
CA SER C 122 -8.39 8.30 -14.03
C SER C 122 -9.83 8.65 -13.87
N PHE C 123 -10.41 9.36 -14.86
CA PHE C 123 -11.78 9.84 -14.77
C PHE C 123 -12.66 9.43 -15.96
N MET C 124 -13.98 9.57 -15.79
CA MET C 124 -14.99 9.27 -16.80
C MET C 124 -14.94 10.29 -17.89
N CYS C 125 -14.72 9.79 -19.12
CA CYS C 125 -14.58 10.60 -20.34
C CYS C 125 -14.75 9.73 -21.61
N ASP C 126 -15.75 10.01 -22.47
CA ASP C 126 -15.92 9.29 -23.74
C ASP C 126 -15.00 9.91 -24.76
N PRO C 127 -13.94 9.17 -25.20
CA PRO C 127 -12.97 9.78 -26.12
C PRO C 127 -13.34 9.71 -27.61
N THR C 128 -14.57 9.24 -27.94
CA THR C 128 -15.04 9.11 -29.31
C THR C 128 -14.83 10.44 -30.06
N GLY C 129 -14.04 10.39 -31.12
CA GLY C 129 -13.73 11.56 -31.93
C GLY C 129 -12.36 12.17 -31.69
N VAL C 130 -11.53 11.50 -30.89
CA VAL C 130 -10.19 11.97 -30.58
C VAL C 130 -9.33 11.86 -31.84
N ASP C 131 -9.61 10.86 -32.72
CA ASP C 131 -8.92 10.59 -33.99
C ASP C 131 -9.23 11.66 -35.04
N SER C 132 -10.13 12.61 -34.73
CA SER C 132 -10.54 13.66 -35.64
C SER C 132 -9.74 14.95 -35.45
N GLU C 133 -9.92 15.89 -36.41
CA GLU C 133 -9.30 17.22 -36.37
C GLU C 133 -9.99 18.09 -35.31
N GLU C 134 -11.34 17.98 -35.21
CA GLU C 134 -12.17 18.71 -34.25
C GLU C 134 -11.84 18.34 -32.81
N GLY C 135 -11.43 17.09 -32.61
CA GLY C 135 -11.07 16.56 -31.30
C GLY C 135 -12.25 16.13 -30.46
N VAL C 136 -12.00 15.87 -29.16
CA VAL C 136 -13.02 15.46 -28.19
C VAL C 136 -12.87 16.33 -26.92
N THR C 137 -14.02 16.70 -26.30
CA THR C 137 -14.04 17.51 -25.09
C THR C 137 -14.48 16.66 -23.91
N CYS C 138 -13.77 16.80 -22.77
CA CYS C 138 -14.07 16.08 -21.53
C CYS C 138 -13.94 16.98 -20.34
N ALA C 139 -14.68 16.66 -19.27
CA ALA C 139 -14.64 17.47 -18.06
C ALA C 139 -14.59 16.60 -16.79
N VAL C 140 -13.98 17.19 -15.72
CA VAL C 140 -13.88 16.57 -14.39
C VAL C 140 -14.01 17.68 -13.35
N LYS C 141 -14.89 17.47 -12.35
CA LYS C 141 -15.16 18.43 -11.29
C LYS C 141 -14.25 18.15 -10.09
N PHE C 142 -13.56 19.18 -9.64
CA PHE C 142 -12.75 19.10 -8.44
C PHE C 142 -13.39 19.98 -7.38
N GLY C 143 -13.62 19.43 -6.21
CA GLY C 143 -14.18 20.18 -5.10
C GLY C 143 -14.06 19.41 -3.81
N SER C 144 -14.32 20.08 -2.67
CA SER C 144 -14.29 19.40 -1.37
C SER C 144 -15.42 18.37 -1.36
N TRP C 145 -15.09 17.16 -0.94
CA TRP C 145 -16.06 16.09 -0.88
C TRP C 145 -17.09 16.33 0.22
N VAL C 146 -16.64 16.71 1.46
CA VAL C 146 -17.46 16.84 2.67
C VAL C 146 -17.89 18.26 3.05
N TYR C 147 -17.27 19.31 2.49
CA TYR C 147 -17.62 20.66 2.90
C TYR C 147 -18.51 21.40 1.88
N SER C 148 -19.60 22.06 2.35
CA SER C 148 -20.50 22.86 1.50
C SER C 148 -19.87 24.19 1.15
N GLY C 149 -20.59 25.02 0.40
CA GLY C 149 -20.17 26.36 0.01
C GLY C 149 -20.09 27.30 1.18
N PHE C 150 -20.93 27.03 2.20
CA PHE C 150 -21.00 27.75 3.47
C PHE C 150 -19.75 27.53 4.30
N GLU C 151 -19.07 26.40 4.09
CA GLU C 151 -17.86 26.07 4.82
C GLU C 151 -16.65 26.47 3.98
N ILE C 152 -16.48 25.86 2.77
CA ILE C 152 -15.34 26.13 1.87
C ILE C 152 -15.82 26.70 0.53
N ASP C 153 -15.15 27.76 0.09
CA ASP C 153 -15.36 28.34 -1.23
C ASP C 153 -14.08 28.08 -2.05
N LEU C 154 -14.25 27.98 -3.35
CA LEU C 154 -13.16 27.74 -4.28
C LEU C 154 -13.01 28.96 -5.18
N LYS C 155 -11.77 29.23 -5.60
CA LYS C 155 -11.45 30.38 -6.47
C LYS C 155 -10.31 29.97 -7.39
N THR C 156 -10.27 30.52 -8.62
CA THR C 156 -9.16 30.26 -9.55
C THR C 156 -8.53 31.59 -9.89
N ASP C 157 -7.19 31.66 -9.92
CA ASP C 157 -6.53 32.91 -10.29
C ASP C 157 -6.76 33.23 -11.77
N THR C 158 -6.94 32.17 -12.60
CA THR C 158 -7.18 32.24 -14.04
C THR C 158 -8.08 31.09 -14.48
N ASP C 159 -8.86 31.30 -15.55
CA ASP C 159 -9.72 30.29 -16.12
C ASP C 159 -8.97 29.43 -17.10
N GLN C 160 -7.71 29.82 -17.44
CA GLN C 160 -6.83 29.08 -18.35
C GLN C 160 -5.88 28.14 -17.59
N VAL C 161 -5.99 26.83 -17.88
CA VAL C 161 -5.15 25.81 -17.26
C VAL C 161 -3.72 26.03 -17.74
N ASP C 162 -2.72 25.80 -16.87
CA ASP C 162 -1.30 26.00 -17.19
C ASP C 162 -0.77 24.89 -18.10
N LEU C 163 -0.61 25.20 -19.38
CA LEU C 163 -0.12 24.19 -20.32
C LEU C 163 1.34 24.38 -20.63
N SER C 164 2.03 25.28 -19.87
CA SER C 164 3.45 25.62 -20.03
C SER C 164 4.34 24.40 -19.85
N SER C 165 3.86 23.39 -19.05
CA SER C 165 4.62 22.18 -18.77
C SER C 165 3.91 20.94 -19.37
N TYR C 166 3.08 21.17 -20.40
CA TYR C 166 2.41 20.07 -21.11
C TYR C 166 3.40 19.36 -22.02
N TYR C 167 3.47 18.01 -21.86
CA TYR C 167 4.36 17.12 -22.60
C TYR C 167 4.20 17.32 -24.10
N ALA C 168 5.25 17.84 -24.73
CA ALA C 168 5.28 18.15 -26.15
C ALA C 168 4.99 16.94 -27.04
N SER C 169 5.76 15.85 -26.87
CA SER C 169 5.61 14.63 -27.64
C SER C 169 4.52 13.69 -27.08
N SER C 170 3.51 14.24 -26.34
CA SER C 170 2.35 13.48 -25.87
C SER C 170 1.57 12.93 -27.06
N LYS C 171 0.84 11.82 -26.88
CA LYS C 171 0.03 11.20 -27.95
C LYS C 171 -1.20 12.08 -28.30
N TYR C 172 -1.63 12.95 -27.35
CA TYR C 172 -2.79 13.83 -27.50
C TYR C 172 -2.39 15.30 -27.32
N GLU C 173 -2.74 16.11 -28.33
CA GLU C 173 -2.53 17.56 -28.45
C GLU C 173 -3.67 18.31 -27.78
N ILE C 174 -3.35 19.30 -26.91
CA ILE C 174 -4.42 20.06 -26.23
C ILE C 174 -4.93 21.18 -27.11
N LEU C 175 -6.23 21.18 -27.33
CA LEU C 175 -6.86 22.22 -28.14
C LEU C 175 -7.33 23.35 -27.22
N SER C 176 -7.82 23.03 -26.01
CA SER C 176 -8.22 23.97 -24.98
C SER C 176 -8.25 23.28 -23.61
N ALA C 177 -7.85 24.00 -22.54
CA ALA C 177 -7.87 23.49 -21.17
C ALA C 177 -8.28 24.62 -20.23
N THR C 178 -9.43 24.46 -19.61
CA THR C 178 -10.10 25.46 -18.83
C THR C 178 -10.37 24.99 -17.40
N GLN C 179 -10.16 25.90 -16.43
CA GLN C 179 -10.44 25.67 -15.00
C GLN C 179 -11.52 26.69 -14.58
N THR C 180 -12.79 26.27 -14.48
CA THR C 180 -13.91 27.19 -14.15
C THR C 180 -14.66 26.86 -12.86
N ARG C 181 -14.79 27.86 -12.02
CA ARG C 181 -15.52 27.69 -10.77
C ARG C 181 -17.02 27.51 -11.07
N GLN C 182 -17.62 26.51 -10.43
CA GLN C 182 -19.02 26.17 -10.59
C GLN C 182 -19.66 25.88 -9.24
N VAL C 183 -20.95 26.23 -9.09
CA VAL C 183 -21.76 25.97 -7.90
C VAL C 183 -22.81 24.98 -8.27
N GLN C 184 -22.92 23.89 -7.54
CA GLN C 184 -23.94 22.92 -7.90
C GLN C 184 -24.78 22.47 -6.71
N HIS C 185 -26.02 22.07 -7.00
CA HIS C 185 -26.84 21.51 -5.96
C HIS C 185 -26.98 20.05 -6.25
N TYR C 186 -26.88 19.20 -5.22
CA TYR C 186 -26.99 17.76 -5.39
C TYR C 186 -28.29 17.29 -4.78
N SER C 187 -28.85 16.17 -5.30
CA SER C 187 -30.15 15.61 -4.88
C SER C 187 -30.25 15.46 -3.35
N CYS C 188 -29.20 14.86 -2.76
CA CYS C 188 -28.95 14.54 -1.37
C CYS C 188 -29.07 15.71 -0.41
N CYS C 189 -28.54 16.83 -0.83
CA CYS C 189 -28.16 17.92 0.02
C CYS C 189 -28.76 19.28 -0.37
N PRO C 190 -29.30 20.00 0.65
CA PRO C 190 -29.88 21.35 0.39
C PRO C 190 -28.81 22.41 0.13
N GLU C 191 -27.65 22.26 0.81
CA GLU C 191 -26.52 23.16 0.73
C GLU C 191 -25.81 23.00 -0.64
N PRO C 192 -25.26 24.10 -1.23
CA PRO C 192 -24.57 23.96 -2.52
C PRO C 192 -23.13 23.49 -2.33
N TYR C 193 -22.54 22.88 -3.37
CA TYR C 193 -21.15 22.42 -3.30
C TYR C 193 -20.37 23.06 -4.43
N ILE C 194 -19.27 23.75 -4.08
CA ILE C 194 -18.44 24.44 -5.04
C ILE C 194 -17.35 23.48 -5.54
N ASP C 195 -17.25 23.46 -6.88
CA ASP C 195 -16.31 22.72 -7.69
C ASP C 195 -15.59 23.64 -8.70
N VAL C 196 -14.60 23.08 -9.34
CA VAL C 196 -13.76 23.71 -10.34
C VAL C 196 -13.76 22.71 -11.47
N ASN C 197 -14.60 22.98 -12.48
CA ASN C 197 -14.73 22.11 -13.64
C ASN C 197 -13.51 22.24 -14.56
N LEU C 198 -12.62 21.22 -14.59
CA LEU C 198 -11.47 21.13 -15.47
C LEU C 198 -12.01 20.61 -16.81
N VAL C 199 -11.95 21.44 -17.88
CA VAL C 199 -12.52 21.11 -19.20
C VAL C 199 -11.44 21.12 -20.24
N VAL C 200 -11.12 19.93 -20.75
CA VAL C 200 -10.05 19.75 -21.72
C VAL C 200 -10.59 19.20 -23.06
N LYS C 201 -10.24 19.90 -24.15
CA LYS C 201 -10.54 19.55 -25.54
C LYS C 201 -9.19 19.14 -26.15
N PHE C 202 -9.13 17.92 -26.69
CA PHE C 202 -7.87 17.37 -27.20
C PHE C 202 -8.11 16.43 -28.38
N ARG C 203 -7.04 16.07 -29.08
CA ARG C 203 -7.06 15.13 -30.19
C ARG C 203 -5.70 14.51 -30.34
N GLU C 204 -5.60 13.31 -30.97
CA GLU C 204 -4.31 12.67 -31.20
C GLU C 204 -3.58 13.43 -32.34
N ARG C 205 -2.22 13.61 -32.23
CA ARG C 205 -1.42 14.40 -33.16
C ARG C 205 -1.34 13.81 -34.59
N GLN D 1 -11.93 27.79 15.22
CA GLN D 1 -12.27 28.42 16.50
C GLN D 1 -12.14 27.43 17.67
N ALA D 2 -11.96 27.99 18.90
CA ALA D 2 -11.75 27.28 20.15
C ALA D 2 -12.97 26.50 20.62
N ASN D 3 -14.19 26.97 20.29
CA ASN D 3 -15.41 26.29 20.71
C ASN D 3 -15.47 24.88 20.09
N LEU D 4 -15.19 24.76 18.78
CA LEU D 4 -15.20 23.47 18.12
C LEU D 4 -14.05 22.58 18.63
N MET D 5 -12.85 23.17 18.79
CA MET D 5 -11.68 22.46 19.28
C MET D 5 -11.97 21.80 20.63
N ARG D 6 -12.60 22.58 21.56
CA ARG D 6 -13.01 22.13 22.89
C ARG D 6 -14.04 20.98 22.78
N LEU D 7 -15.05 21.12 21.89
CA LEU D 7 -16.07 20.10 21.64
C LEU D 7 -15.43 18.81 21.16
N LYS D 8 -14.54 18.92 20.14
CA LYS D 8 -13.80 17.81 19.56
C LYS D 8 -12.96 17.10 20.65
N SER D 9 -12.33 17.90 21.55
CA SER D 9 -11.53 17.41 22.68
C SER D 9 -12.42 16.66 23.70
N ASP D 10 -13.52 17.30 24.16
CA ASP D 10 -14.45 16.75 25.14
C ASP D 10 -15.12 15.47 24.64
N LEU D 11 -15.31 15.34 23.30
CA LEU D 11 -15.93 14.16 22.72
C LEU D 11 -14.93 13.01 22.53
N PHE D 12 -13.77 13.29 21.89
CA PHE D 12 -12.81 12.26 21.50
C PHE D 12 -11.67 12.02 22.47
N ASN D 13 -11.07 13.06 23.06
CA ASN D 13 -9.93 12.90 23.97
C ASN D 13 -10.38 12.58 25.41
N ARG D 14 -11.40 13.31 25.93
CA ARG D 14 -11.92 13.16 27.30
C ARG D 14 -12.60 11.78 27.53
N SER D 15 -13.42 11.32 26.58
CA SER D 15 -14.16 10.07 26.69
C SER D 15 -13.48 8.92 25.90
N PRO D 16 -13.59 7.62 26.33
CA PRO D 16 -12.99 6.53 25.51
C PRO D 16 -13.80 6.25 24.24
N MET D 17 -13.16 5.64 23.21
CA MET D 17 -13.89 5.38 21.96
C MET D 17 -14.98 4.31 22.14
N TYR D 18 -16.06 4.49 21.38
CA TYR D 18 -17.23 3.62 21.32
C TYR D 18 -16.78 2.20 21.02
N PRO D 19 -17.17 1.23 21.89
CA PRO D 19 -16.73 -0.15 21.72
C PRO D 19 -17.51 -0.96 20.67
N GLY D 20 -18.36 -0.28 19.89
CA GLY D 20 -19.19 -0.91 18.88
C GLY D 20 -20.51 -1.39 19.44
N PRO D 21 -21.48 -1.74 18.57
CA PRO D 21 -22.79 -2.19 19.07
C PRO D 21 -22.74 -3.55 19.76
N THR D 22 -23.70 -3.80 20.66
CA THR D 22 -23.86 -5.05 21.41
C THR D 22 -25.26 -5.57 21.17
N LYS D 23 -25.60 -6.73 21.76
CA LYS D 23 -26.94 -7.29 21.71
C LYS D 23 -27.84 -6.39 22.57
N ASP D 24 -27.30 -5.93 23.74
CA ASP D 24 -27.94 -5.04 24.72
C ASP D 24 -28.07 -3.61 24.19
N ASP D 25 -27.04 -3.08 23.51
CA ASP D 25 -27.11 -1.77 22.89
C ASP D 25 -26.96 -1.96 21.35
N PRO D 26 -28.06 -2.26 20.62
CA PRO D 26 -27.93 -2.43 19.17
C PRO D 26 -27.85 -1.08 18.47
N LEU D 27 -27.62 -1.15 17.15
CA LEU D 27 -27.46 0.01 16.28
C LEU D 27 -28.13 -0.21 14.97
N THR D 28 -28.68 0.85 14.38
CA THR D 28 -29.30 0.76 13.07
C THR D 28 -28.59 1.70 12.12
N VAL D 29 -27.96 1.12 11.10
CA VAL D 29 -27.23 1.82 10.06
C VAL D 29 -28.12 1.98 8.85
N THR D 30 -28.26 3.22 8.38
CA THR D 30 -29.04 3.50 7.17
C THR D 30 -28.08 3.44 6.02
N LEU D 31 -28.44 2.73 4.93
CA LEU D 31 -27.60 2.64 3.74
C LEU D 31 -28.28 3.23 2.50
N GLY D 32 -27.48 3.68 1.55
CA GLY D 32 -27.94 4.26 0.30
C GLY D 32 -26.87 4.33 -0.76
N PHE D 33 -27.22 4.01 -2.00
CA PHE D 33 -26.26 4.03 -3.09
C PHE D 33 -26.59 5.06 -4.15
N THR D 34 -25.55 5.71 -4.63
CA THR D 34 -25.59 6.64 -5.75
C THR D 34 -24.69 6.03 -6.81
N LEU D 35 -25.28 5.28 -7.76
CA LEU D 35 -24.49 4.58 -8.80
C LEU D 35 -24.02 5.59 -9.86
N GLN D 36 -22.68 5.67 -10.02
CA GLN D 36 -22.02 6.60 -10.94
C GLN D 36 -21.67 5.94 -12.26
N ASP D 37 -21.18 4.68 -12.25
CA ASP D 37 -20.79 4.00 -13.48
C ASP D 37 -20.67 2.50 -13.30
N ILE D 38 -20.91 1.79 -14.40
CA ILE D 38 -20.58 0.39 -14.64
C ILE D 38 -19.40 0.53 -15.59
N VAL D 39 -18.18 0.57 -15.02
CA VAL D 39 -16.97 0.88 -15.78
C VAL D 39 -16.56 -0.23 -16.71
N LYS D 40 -16.37 -1.42 -16.12
CA LYS D 40 -15.80 -2.60 -16.73
C LYS D 40 -16.68 -3.85 -16.50
N VAL D 41 -16.83 -4.63 -17.58
CA VAL D 41 -17.55 -5.88 -17.55
C VAL D 41 -16.55 -6.92 -18.11
N ASP D 42 -16.17 -7.89 -17.29
CA ASP D 42 -15.23 -8.91 -17.73
C ASP D 42 -15.95 -10.22 -17.86
N SER D 43 -16.36 -10.49 -19.11
CA SER D 43 -17.08 -11.68 -19.58
C SER D 43 -16.29 -12.95 -19.34
N SER D 44 -14.94 -12.88 -19.36
CA SER D 44 -14.08 -14.04 -19.19
C SER D 44 -13.95 -14.52 -17.72
N THR D 45 -14.17 -13.62 -16.73
CA THR D 45 -14.08 -13.98 -15.31
C THR D 45 -15.38 -13.71 -14.54
N ASN D 46 -16.41 -13.20 -15.25
CA ASN D 46 -17.71 -12.83 -14.70
C ASN D 46 -17.51 -11.90 -13.47
N GLU D 47 -16.77 -10.83 -13.74
CA GLU D 47 -16.43 -9.74 -12.83
C GLU D 47 -16.96 -8.42 -13.39
N VAL D 48 -17.68 -7.63 -12.58
CA VAL D 48 -18.18 -6.33 -13.02
C VAL D 48 -17.71 -5.23 -12.05
N ASP D 49 -17.22 -4.11 -12.61
CA ASP D 49 -16.74 -2.99 -11.84
C ASP D 49 -17.75 -1.82 -11.75
N LEU D 50 -18.15 -1.46 -10.51
CA LEU D 50 -19.03 -0.30 -10.28
C LEU D 50 -18.30 0.82 -9.54
N VAL D 51 -18.63 2.06 -9.87
CA VAL D 51 -18.18 3.22 -9.13
C VAL D 51 -19.47 3.79 -8.54
N TYR D 52 -19.48 4.03 -7.24
CA TYR D 52 -20.63 4.59 -6.54
C TYR D 52 -20.17 5.29 -5.28
N TYR D 53 -21.06 6.03 -4.64
CA TYR D 53 -20.77 6.50 -3.31
C TYR D 53 -21.93 6.06 -2.45
N GLU D 54 -21.58 5.47 -1.30
CA GLU D 54 -22.48 4.83 -0.36
C GLU D 54 -22.80 5.73 0.86
N GLN D 55 -24.10 6.01 1.10
CA GLN D 55 -24.50 6.80 2.27
C GLN D 55 -24.63 5.86 3.47
N GLN D 56 -23.76 6.03 4.46
CA GLN D 56 -23.83 5.32 5.72
C GLN D 56 -24.23 6.36 6.80
N ARG D 57 -25.38 6.19 7.46
CA ARG D 57 -25.70 7.12 8.54
C ARG D 57 -26.27 6.36 9.74
N TRP D 58 -25.72 6.67 10.93
CA TRP D 58 -26.07 6.09 12.24
C TRP D 58 -26.04 7.17 13.34
N LYS D 59 -26.56 6.84 14.53
CA LYS D 59 -26.64 7.78 15.65
C LYS D 59 -26.07 7.14 16.92
N LEU D 60 -25.29 7.92 17.68
CA LEU D 60 -24.67 7.47 18.94
C LEU D 60 -25.00 8.45 20.04
N ASN D 61 -25.46 7.95 21.19
CA ASN D 61 -25.78 8.81 22.35
C ASN D 61 -24.45 9.42 22.87
N SER D 62 -23.37 8.68 22.59
CA SER D 62 -21.98 8.98 22.89
C SER D 62 -21.56 10.33 22.28
N LEU D 63 -21.92 10.55 21.00
CA LEU D 63 -21.54 11.75 20.22
C LEU D 63 -22.54 12.91 20.32
N MET D 64 -23.46 12.89 21.30
CA MET D 64 -24.43 13.96 21.45
C MET D 64 -23.83 15.14 22.21
N TRP D 65 -24.39 16.37 22.02
CA TRP D 65 -24.00 17.58 22.75
C TRP D 65 -25.06 18.68 22.69
N ASP D 66 -25.00 19.59 23.69
CA ASP D 66 -25.85 20.77 23.78
C ASP D 66 -25.13 21.87 23.00
N PRO D 67 -25.66 22.29 21.82
CA PRO D 67 -24.95 23.30 21.02
C PRO D 67 -24.75 24.62 21.79
N ASN D 68 -25.62 24.92 22.78
CA ASN D 68 -25.53 26.14 23.61
C ASN D 68 -24.25 26.16 24.45
N GLU D 69 -23.83 25.00 24.94
CA GLU D 69 -22.64 24.86 25.77
C GLU D 69 -21.38 25.00 24.94
N TYR D 70 -21.49 24.78 23.62
CA TYR D 70 -20.34 24.85 22.74
C TYR D 70 -20.48 25.93 21.67
N GLY D 71 -20.98 27.11 22.07
CA GLY D 71 -21.12 28.25 21.18
C GLY D 71 -21.93 28.02 19.91
N ASN D 72 -23.20 27.61 20.09
CA ASN D 72 -24.24 27.33 19.08
C ASN D 72 -23.64 26.73 17.79
N ILE D 73 -23.15 25.46 17.89
CA ILE D 73 -22.60 24.71 16.74
C ILE D 73 -23.33 23.38 16.67
N THR D 74 -24.10 23.21 15.61
CA THR D 74 -24.98 22.07 15.34
C THR D 74 -24.25 20.82 14.87
N ASP D 75 -23.27 20.98 14.00
CA ASP D 75 -22.55 19.86 13.42
C ASP D 75 -21.08 20.18 13.20
N PHE D 76 -20.31 19.19 12.74
CA PHE D 76 -18.88 19.34 12.39
C PHE D 76 -18.36 18.13 11.58
N ARG D 77 -17.32 18.40 10.79
CA ARG D 77 -16.64 17.38 10.00
C ARG D 77 -15.44 16.86 10.78
N THR D 78 -15.22 15.53 10.75
CA THR D 78 -14.08 14.90 11.41
C THR D 78 -13.63 13.68 10.63
N SER D 79 -12.34 13.34 10.78
CA SER D 79 -11.78 12.18 10.13
C SER D 79 -12.47 10.94 10.66
N ALA D 80 -12.78 9.99 9.78
CA ALA D 80 -13.44 8.73 10.10
C ALA D 80 -12.64 7.91 11.13
N ALA D 81 -11.35 8.23 11.28
CA ALA D 81 -10.47 7.56 12.23
C ALA D 81 -10.83 7.89 13.66
N ASP D 82 -11.30 9.15 13.91
CA ASP D 82 -11.71 9.69 15.23
C ASP D 82 -12.96 9.01 15.77
N ILE D 83 -13.74 8.35 14.90
CA ILE D 83 -15.02 7.75 15.29
C ILE D 83 -15.10 6.27 14.92
N TRP D 84 -16.10 5.57 15.51
CA TRP D 84 -16.43 4.20 15.15
C TRP D 84 -17.16 4.27 13.81
N THR D 85 -16.89 3.33 12.91
CA THR D 85 -17.59 3.26 11.62
C THR D 85 -18.10 1.83 11.39
N PRO D 86 -19.29 1.64 10.75
CA PRO D 86 -19.79 0.29 10.54
C PRO D 86 -18.96 -0.46 9.52
N ASP D 87 -18.72 -1.78 9.74
CA ASP D 87 -17.93 -2.62 8.86
C ASP D 87 -18.77 -3.17 7.71
N ILE D 88 -19.39 -2.25 6.94
CA ILE D 88 -20.23 -2.60 5.80
C ILE D 88 -19.33 -3.12 4.70
N THR D 89 -19.49 -4.41 4.37
CA THR D 89 -18.71 -5.18 3.39
C THR D 89 -19.62 -5.72 2.28
N ALA D 90 -19.08 -5.86 1.06
CA ALA D 90 -19.80 -6.45 -0.07
C ALA D 90 -19.45 -7.93 -0.14
N TYR D 91 -20.44 -8.80 0.01
CA TYR D 91 -20.25 -10.25 0.06
C TYR D 91 -19.58 -10.85 -1.22
N SER D 92 -20.15 -10.62 -2.42
CA SER D 92 -19.65 -11.13 -3.70
C SER D 92 -18.41 -10.36 -4.26
N SER D 93 -17.67 -9.56 -3.45
CA SER D 93 -16.49 -8.83 -3.93
C SER D 93 -15.43 -9.79 -4.36
N THR D 94 -14.68 -9.46 -5.44
CA THR D 94 -13.62 -10.32 -5.99
C THR D 94 -12.25 -9.68 -5.84
N ARG D 95 -12.22 -8.40 -5.50
CA ARG D 95 -11.00 -7.60 -5.32
C ARG D 95 -11.29 -6.53 -4.26
N PRO D 96 -10.28 -6.06 -3.48
CA PRO D 96 -10.56 -5.06 -2.44
C PRO D 96 -11.21 -3.76 -2.99
N VAL D 97 -12.21 -3.20 -2.27
CA VAL D 97 -12.81 -1.96 -2.76
C VAL D 97 -11.76 -0.86 -2.68
N GLN D 98 -11.70 -0.06 -3.74
CA GLN D 98 -10.79 1.08 -3.83
C GLN D 98 -11.53 2.31 -3.30
N VAL D 99 -10.92 3.04 -2.35
CA VAL D 99 -11.58 4.24 -1.84
C VAL D 99 -11.30 5.40 -2.79
N LEU D 100 -12.34 6.11 -3.18
CA LEU D 100 -12.32 7.18 -4.16
C LEU D 100 -12.66 8.57 -3.53
N SER D 101 -12.94 8.61 -2.21
CA SER D 101 -13.26 9.84 -1.48
C SER D 101 -12.51 9.94 -0.11
N PRO D 102 -12.32 11.17 0.41
CA PRO D 102 -11.73 11.35 1.75
C PRO D 102 -12.48 10.64 2.88
N GLN D 103 -11.73 10.21 3.90
CA GLN D 103 -12.30 9.48 5.03
C GLN D 103 -12.74 10.49 6.08
N ILE D 104 -13.78 11.27 5.72
CA ILE D 104 -14.32 12.32 6.59
C ILE D 104 -15.83 12.11 6.68
N ALA D 105 -16.36 12.27 7.91
CA ALA D 105 -17.76 12.12 8.21
C ALA D 105 -18.27 13.36 8.90
N VAL D 106 -19.61 13.57 8.88
CA VAL D 106 -20.21 14.72 9.54
C VAL D 106 -20.98 14.21 10.77
N VAL D 107 -20.71 14.85 11.92
CA VAL D 107 -21.29 14.52 13.22
C VAL D 107 -22.21 15.69 13.61
N THR D 108 -23.46 15.38 14.03
CA THR D 108 -24.45 16.38 14.45
C THR D 108 -24.72 16.24 15.96
N HIS D 109 -25.12 17.32 16.62
CA HIS D 109 -25.35 17.41 18.06
C HIS D 109 -26.25 16.30 18.63
N ASP D 110 -27.16 15.72 17.81
CA ASP D 110 -28.05 14.64 18.27
C ASP D 110 -27.30 13.30 18.23
N GLY D 111 -26.00 13.35 17.98
CA GLY D 111 -25.13 12.18 17.88
C GLY D 111 -25.18 11.45 16.56
N SER D 112 -25.94 11.99 15.58
CA SER D 112 -26.08 11.36 14.28
C SER D 112 -24.83 11.62 13.41
N VAL D 113 -24.30 10.54 12.80
CA VAL D 113 -23.12 10.55 11.94
C VAL D 113 -23.52 10.22 10.52
N MET D 114 -22.99 10.97 9.56
CA MET D 114 -23.20 10.82 8.12
C MET D 114 -21.85 10.58 7.45
N PHE D 115 -21.68 9.42 6.79
CA PHE D 115 -20.43 9.07 6.15
C PHE D 115 -20.72 8.63 4.74
N ILE D 116 -20.13 9.31 3.73
CA ILE D 116 -20.45 9.01 2.33
C ILE D 116 -19.18 8.52 1.56
N PRO D 117 -18.74 7.26 1.76
CA PRO D 117 -17.53 6.78 1.06
C PRO D 117 -17.70 6.56 -0.44
N ALA D 118 -16.82 7.13 -1.29
CA ALA D 118 -16.92 6.84 -2.72
C ALA D 118 -16.03 5.62 -3.00
N GLN D 119 -16.59 4.60 -3.69
CA GLN D 119 -15.82 3.37 -3.94
C GLN D 119 -15.93 2.84 -5.33
N ARG D 120 -14.92 2.07 -5.71
CA ARG D 120 -14.87 1.25 -6.94
C ARG D 120 -14.90 -0.17 -6.45
N LEU D 121 -15.96 -0.93 -6.79
CA LEU D 121 -16.12 -2.31 -6.35
C LEU D 121 -16.10 -3.31 -7.51
N SER D 122 -15.33 -4.41 -7.34
CA SER D 122 -15.33 -5.50 -8.32
C SER D 122 -16.03 -6.69 -7.70
N PHE D 123 -17.17 -7.06 -8.27
CA PHE D 123 -17.97 -8.15 -7.72
C PHE D 123 -18.34 -9.20 -8.78
N MET D 124 -18.82 -10.36 -8.30
CA MET D 124 -19.25 -11.49 -9.10
C MET D 124 -20.53 -11.15 -9.78
N CYS D 125 -20.50 -11.23 -11.12
CA CYS D 125 -21.62 -10.90 -12.00
C CYS D 125 -21.41 -11.50 -13.41
N ASP D 126 -22.30 -12.40 -13.85
CA ASP D 126 -22.25 -12.97 -15.20
C ASP D 126 -22.91 -11.97 -16.14
N PRO D 127 -22.17 -11.32 -17.05
CA PRO D 127 -22.77 -10.29 -17.90
C PRO D 127 -23.43 -10.83 -19.17
N THR D 128 -23.56 -12.16 -19.32
CA THR D 128 -24.18 -12.82 -20.49
C THR D 128 -25.56 -12.18 -20.75
N GLY D 129 -25.70 -11.58 -21.93
CA GLY D 129 -26.94 -10.93 -22.34
C GLY D 129 -26.96 -9.42 -22.23
N VAL D 130 -25.81 -8.81 -21.90
CA VAL D 130 -25.69 -7.36 -21.79
C VAL D 130 -25.81 -6.72 -23.19
N ASP D 131 -25.39 -7.45 -24.25
CA ASP D 131 -25.44 -7.03 -25.66
C ASP D 131 -26.89 -7.03 -26.20
N SER D 132 -27.86 -7.51 -25.39
CA SER D 132 -29.29 -7.59 -25.77
C SER D 132 -30.09 -6.36 -25.30
N GLU D 133 -31.31 -6.22 -25.86
CA GLU D 133 -32.22 -5.14 -25.52
C GLU D 133 -32.80 -5.34 -24.11
N GLU D 134 -33.11 -6.61 -23.75
CA GLU D 134 -33.64 -7.01 -22.45
C GLU D 134 -32.60 -6.76 -21.31
N GLY D 135 -31.31 -6.77 -21.64
CA GLY D 135 -30.23 -6.55 -20.69
C GLY D 135 -29.94 -7.72 -19.75
N VAL D 136 -29.03 -7.49 -18.77
CA VAL D 136 -28.57 -8.48 -17.77
C VAL D 136 -28.74 -7.90 -16.35
N THR D 137 -29.13 -8.75 -15.39
CA THR D 137 -29.34 -8.33 -14.01
C THR D 137 -28.26 -8.92 -13.12
N CYS D 138 -27.70 -8.09 -12.24
CA CYS D 138 -26.66 -8.49 -11.30
C CYS D 138 -26.91 -7.94 -9.94
N ALA D 139 -26.46 -8.66 -8.91
CA ALA D 139 -26.67 -8.23 -7.55
C ALA D 139 -25.43 -8.42 -6.68
N VAL D 140 -25.35 -7.60 -5.61
CA VAL D 140 -24.29 -7.58 -4.60
C VAL D 140 -24.89 -7.17 -3.24
N LYS D 141 -24.61 -7.98 -2.20
CA LYS D 141 -25.11 -7.76 -0.84
C LYS D 141 -24.10 -6.97 -0.03
N PHE D 142 -24.57 -5.89 0.57
CA PHE D 142 -23.75 -5.08 1.45
C PHE D 142 -24.28 -5.25 2.87
N GLY D 143 -23.41 -5.57 3.80
CA GLY D 143 -23.79 -5.69 5.20
C GLY D 143 -22.57 -5.76 6.10
N SER D 144 -22.78 -5.69 7.43
CA SER D 144 -21.66 -5.82 8.37
C SER D 144 -21.12 -7.23 8.28
N TRP D 145 -19.80 -7.33 8.17
CA TRP D 145 -19.15 -8.62 8.06
C TRP D 145 -19.19 -9.41 9.39
N VAL D 146 -18.91 -8.75 10.53
CA VAL D 146 -18.77 -9.40 11.84
C VAL D 146 -19.98 -9.27 12.78
N TYR D 147 -20.90 -8.35 12.52
CA TYR D 147 -22.01 -8.16 13.45
C TYR D 147 -23.31 -8.81 12.94
N SER D 148 -24.01 -9.58 13.82
CA SER D 148 -25.31 -10.18 13.45
C SER D 148 -26.43 -9.11 13.44
N GLY D 149 -27.66 -9.54 13.27
CA GLY D 149 -28.80 -8.65 13.28
C GLY D 149 -29.07 -8.13 14.67
N PHE D 150 -28.70 -8.93 15.70
CA PHE D 150 -28.90 -8.61 17.12
C PHE D 150 -28.03 -7.45 17.55
N GLU D 151 -26.98 -7.20 16.77
CA GLU D 151 -26.06 -6.13 17.04
C GLU D 151 -26.35 -4.95 16.07
N ILE D 152 -26.18 -5.15 14.77
CA ILE D 152 -26.43 -4.09 13.82
C ILE D 152 -27.58 -4.45 12.90
N ASP D 153 -28.48 -3.47 12.69
CA ASP D 153 -29.58 -3.59 11.77
C ASP D 153 -29.35 -2.59 10.66
N LEU D 154 -29.87 -2.88 9.48
CA LEU D 154 -29.72 -2.02 8.32
C LEU D 154 -31.09 -1.51 7.90
N LYS D 155 -31.13 -0.31 7.34
CA LYS D 155 -32.37 0.33 6.87
C LYS D 155 -32.06 1.17 5.62
N THR D 156 -33.03 1.31 4.69
CA THR D 156 -32.86 2.17 3.50
C THR D 156 -33.96 3.16 3.51
N ASP D 157 -33.65 4.42 3.21
CA ASP D 157 -34.70 5.47 3.16
C ASP D 157 -35.61 5.26 1.94
N THR D 158 -35.08 4.63 0.88
CA THR D 158 -35.75 4.29 -0.37
C THR D 158 -35.17 2.99 -0.96
N ASP D 159 -36.01 2.24 -1.69
CA ASP D 159 -35.65 1.01 -2.38
C ASP D 159 -35.02 1.34 -3.74
N GLN D 160 -35.10 2.63 -4.17
CA GLN D 160 -34.58 3.10 -5.46
C GLN D 160 -33.17 3.68 -5.34
N VAL D 161 -32.21 3.10 -6.07
CA VAL D 161 -30.84 3.59 -6.10
C VAL D 161 -30.82 4.95 -6.81
N ASP D 162 -29.98 5.89 -6.33
CA ASP D 162 -29.82 7.24 -6.88
C ASP D 162 -29.04 7.22 -8.21
N LEU D 163 -29.76 7.39 -9.33
CA LEU D 163 -29.08 7.36 -10.61
C LEU D 163 -28.90 8.74 -11.18
N SER D 164 -29.20 9.77 -10.34
CA SER D 164 -29.11 11.18 -10.72
C SER D 164 -27.69 11.57 -11.13
N SER D 165 -26.64 10.84 -10.64
CA SER D 165 -25.24 11.14 -10.97
C SER D 165 -24.60 9.99 -11.75
N TYR D 166 -25.46 9.18 -12.43
CA TYR D 166 -24.97 8.09 -13.28
C TYR D 166 -24.36 8.67 -14.57
N TYR D 167 -23.11 8.22 -14.89
CA TYR D 167 -22.29 8.63 -16.03
C TYR D 167 -23.07 8.51 -17.31
N ALA D 168 -23.36 9.67 -17.89
CA ALA D 168 -24.14 9.81 -19.12
C ALA D 168 -23.59 8.97 -20.28
N SER D 169 -22.28 9.19 -20.65
CA SER D 169 -21.62 8.50 -21.74
C SER D 169 -21.06 7.16 -21.33
N SER D 170 -21.61 6.51 -20.27
CA SER D 170 -21.20 5.17 -19.84
C SER D 170 -21.43 4.17 -20.94
N LYS D 171 -20.62 3.10 -20.98
CA LYS D 171 -20.77 2.05 -22.01
C LYS D 171 -22.04 1.22 -21.76
N TYR D 172 -22.55 1.22 -20.50
CA TYR D 172 -23.73 0.46 -20.10
C TYR D 172 -24.81 1.38 -19.52
N GLU D 173 -26.03 1.26 -20.06
CA GLU D 173 -27.27 1.97 -19.71
C GLU D 173 -28.01 1.24 -18.59
N ILE D 174 -28.42 1.96 -17.51
CA ILE D 174 -29.13 1.34 -16.38
C ILE D 174 -30.59 1.17 -16.69
N LEU D 175 -31.09 -0.06 -16.58
CA LEU D 175 -32.49 -0.34 -16.83
C LEU D 175 -33.27 -0.23 -15.52
N SER D 176 -32.67 -0.70 -14.41
CA SER D 176 -33.21 -0.64 -13.06
C SER D 176 -32.10 -0.81 -12.03
N ALA D 177 -32.19 -0.09 -10.90
CA ALA D 177 -31.21 -0.15 -9.81
C ALA D 177 -31.96 -0.02 -8.47
N THR D 178 -31.91 -1.10 -7.72
CA THR D 178 -32.64 -1.29 -6.49
C THR D 178 -31.74 -1.59 -5.29
N GLN D 179 -32.09 -1.01 -4.13
CA GLN D 179 -31.36 -1.23 -2.86
C GLN D 179 -32.42 -1.74 -1.88
N THR D 180 -32.37 -3.03 -1.57
CA THR D 180 -33.40 -3.66 -0.72
C THR D 180 -32.84 -4.38 0.49
N ARG D 181 -33.42 -4.14 1.64
CA ARG D 181 -32.94 -4.80 2.84
C ARG D 181 -33.41 -6.25 2.86
N GLN D 182 -32.56 -7.16 3.36
CA GLN D 182 -32.93 -8.57 3.49
C GLN D 182 -32.23 -9.17 4.71
N VAL D 183 -32.88 -10.16 5.33
CA VAL D 183 -32.35 -10.92 6.48
C VAL D 183 -31.97 -12.29 5.99
N GLN D 184 -30.75 -12.73 6.25
CA GLN D 184 -30.39 -14.05 5.76
C GLN D 184 -29.69 -14.90 6.80
N HIS D 185 -29.82 -16.21 6.66
CA HIS D 185 -29.15 -17.16 7.55
C HIS D 185 -28.09 -17.81 6.74
N TYR D 186 -26.89 -17.95 7.31
CA TYR D 186 -25.78 -18.57 6.62
C TYR D 186 -25.49 -19.92 7.24
N SER D 187 -24.95 -20.86 6.47
CA SER D 187 -24.71 -22.25 6.90
C SER D 187 -23.93 -22.34 8.22
N CYS D 188 -22.86 -21.53 8.32
CA CYS D 188 -21.91 -21.37 9.42
C CYS D 188 -22.54 -21.00 10.72
N CYS D 189 -23.52 -20.10 10.66
CA CYS D 189 -23.96 -19.30 11.75
C CYS D 189 -25.45 -19.38 12.04
N PRO D 190 -25.80 -19.60 13.33
CA PRO D 190 -27.22 -19.65 13.71
C PRO D 190 -27.92 -18.28 13.70
N GLU D 191 -27.16 -17.23 14.04
CA GLU D 191 -27.61 -15.84 14.11
C GLU D 191 -27.83 -15.31 12.68
N PRO D 192 -28.82 -14.41 12.44
CA PRO D 192 -29.03 -13.91 11.08
C PRO D 192 -28.14 -12.71 10.78
N TYR D 193 -27.89 -12.43 9.50
CA TYR D 193 -27.07 -11.30 9.10
C TYR D 193 -27.88 -10.43 8.11
N ILE D 194 -28.00 -9.15 8.44
CA ILE D 194 -28.75 -8.19 7.62
C ILE D 194 -27.81 -7.52 6.61
N ASP D 195 -28.35 -7.41 5.40
CA ASP D 195 -27.71 -6.81 4.26
C ASP D 195 -28.73 -6.00 3.46
N VAL D 196 -28.20 -5.14 2.58
CA VAL D 196 -28.95 -4.38 1.60
C VAL D 196 -28.50 -4.93 0.24
N ASN D 197 -29.46 -5.42 -0.53
CA ASN D 197 -29.19 -6.02 -1.83
C ASN D 197 -29.24 -4.95 -2.90
N LEU D 198 -28.04 -4.69 -3.54
CA LEU D 198 -27.92 -3.75 -4.66
C LEU D 198 -28.17 -4.57 -5.91
N VAL D 199 -29.27 -4.31 -6.62
CA VAL D 199 -29.68 -5.09 -7.80
C VAL D 199 -29.76 -4.17 -8.98
N VAL D 200 -28.81 -4.33 -9.92
CA VAL D 200 -28.75 -3.50 -11.10
C VAL D 200 -28.96 -4.32 -12.39
N LYS D 201 -29.93 -3.87 -13.22
CA LYS D 201 -30.27 -4.41 -14.53
C LYS D 201 -29.77 -3.40 -15.55
N PHE D 202 -28.89 -3.84 -16.46
CA PHE D 202 -28.25 -2.94 -17.43
C PHE D 202 -28.00 -3.63 -18.76
N ARG D 203 -27.64 -2.82 -19.77
CA ARG D 203 -27.28 -3.28 -21.11
C ARG D 203 -26.38 -2.25 -21.77
N GLU D 204 -25.59 -2.66 -22.76
CA GLU D 204 -24.75 -1.71 -23.49
C GLU D 204 -25.63 -0.82 -24.43
N ARG D 205 -25.30 0.50 -24.54
CA ARG D 205 -26.05 1.48 -25.33
C ARG D 205 -25.95 1.20 -26.84
N GLN E 1 -21.40 0.91 25.66
CA GLN E 1 -21.55 0.88 27.12
C GLN E 1 -20.19 0.71 27.83
N ALA E 2 -20.17 1.16 29.11
CA ALA E 2 -19.01 1.17 30.00
C ALA E 2 -18.57 -0.21 30.45
N ASN E 3 -19.49 -1.18 30.56
CA ASN E 3 -19.14 -2.53 30.99
C ASN E 3 -18.19 -3.18 29.99
N LEU E 4 -18.48 -3.06 28.69
CA LEU E 4 -17.62 -3.61 27.66
C LEU E 4 -16.29 -2.86 27.59
N MET E 5 -16.34 -1.51 27.69
CA MET E 5 -15.14 -0.68 27.67
C MET E 5 -14.15 -1.11 28.77
N ARG E 6 -14.69 -1.32 30.01
CA ARG E 6 -13.93 -1.78 31.17
C ARG E 6 -13.35 -3.18 30.91
N LEU E 7 -14.15 -4.12 30.36
CA LEU E 7 -13.70 -5.48 30.01
C LEU E 7 -12.55 -5.42 29.00
N LYS E 8 -12.75 -4.64 27.91
CA LYS E 8 -11.77 -4.42 26.86
C LYS E 8 -10.47 -3.86 27.46
N SER E 9 -10.60 -2.91 28.42
CA SER E 9 -9.48 -2.28 29.14
C SER E 9 -8.74 -3.31 30.00
N ASP E 10 -9.48 -4.04 30.87
CA ASP E 10 -8.94 -5.06 31.79
C ASP E 10 -8.26 -6.21 31.05
N LEU E 11 -8.72 -6.53 29.83
CA LEU E 11 -8.13 -7.59 29.02
C LEU E 11 -6.88 -7.13 28.24
N PHE E 12 -7.00 -6.01 27.50
CA PHE E 12 -5.94 -5.54 26.60
C PHE E 12 -4.98 -4.50 27.15
N ASN E 13 -5.46 -3.50 27.92
CA ASN E 13 -4.60 -2.43 28.44
C ASN E 13 -3.91 -2.84 29.76
N ARG E 14 -4.67 -3.46 30.69
CA ARG E 14 -4.19 -3.89 32.01
C ARG E 14 -3.10 -4.99 31.91
N SER E 15 -3.34 -6.02 31.07
CA SER E 15 -2.44 -7.16 30.91
C SER E 15 -1.54 -7.05 29.65
N PRO E 16 -0.31 -7.61 29.64
CA PRO E 16 0.54 -7.53 28.42
C PRO E 16 0.04 -8.46 27.32
N MET E 17 0.36 -8.16 26.03
CA MET E 17 -0.13 -9.01 24.93
C MET E 17 0.56 -10.37 24.94
N TYR E 18 -0.25 -11.37 24.52
CA TYR E 18 0.06 -12.78 24.37
C TYR E 18 1.32 -12.91 23.49
N PRO E 19 2.37 -13.55 24.02
CA PRO E 19 3.60 -13.68 23.24
C PRO E 19 3.58 -14.80 22.18
N GLY E 20 2.41 -15.36 21.91
CA GLY E 20 2.27 -16.45 20.96
C GLY E 20 2.45 -17.81 21.61
N PRO E 21 2.06 -18.91 20.92
CA PRO E 21 2.22 -20.24 21.52
C PRO E 21 3.66 -20.67 21.72
N THR E 22 3.90 -21.52 22.71
CA THR E 22 5.21 -22.11 23.01
C THR E 22 5.10 -23.62 22.96
N LYS E 23 6.20 -24.34 23.20
CA LYS E 23 6.20 -25.79 23.28
C LYS E 23 5.46 -26.17 24.58
N ASP E 24 5.70 -25.38 25.67
CA ASP E 24 5.10 -25.50 27.01
C ASP E 24 3.60 -25.14 27.00
N ASP E 25 3.23 -24.05 26.30
CA ASP E 25 1.85 -23.66 26.15
C ASP E 25 1.47 -23.72 24.64
N PRO E 26 1.08 -24.91 24.12
CA PRO E 26 0.72 -25.00 22.72
C PRO E 26 -0.68 -24.47 22.48
N LEU E 27 -1.07 -24.42 21.21
CA LEU E 27 -2.36 -23.91 20.76
C LEU E 27 -2.91 -24.74 19.64
N THR E 28 -4.24 -24.88 19.57
CA THR E 28 -4.86 -25.61 18.48
C THR E 28 -5.81 -24.68 17.76
N VAL E 29 -5.50 -24.43 16.50
CA VAL E 29 -6.28 -23.55 15.63
C VAL E 29 -7.20 -24.41 14.77
N THR E 30 -8.49 -24.09 14.79
CA THR E 30 -9.45 -24.78 13.94
C THR E 30 -9.53 -24.01 12.63
N LEU E 31 -9.50 -24.71 11.50
CA LEU E 31 -9.59 -24.07 10.19
C LEU E 31 -10.79 -24.59 9.40
N GLY E 32 -11.28 -23.74 8.49
CA GLY E 32 -12.42 -24.07 7.65
C GLY E 32 -12.59 -23.12 6.49
N PHE E 33 -12.96 -23.66 5.33
CA PHE E 33 -13.13 -22.84 4.13
C PHE E 33 -14.54 -22.81 3.60
N THR E 34 -14.91 -21.62 3.12
CA THR E 34 -16.17 -21.37 2.42
C THR E 34 -15.76 -20.84 1.05
N LEU E 35 -15.70 -21.75 0.05
CA LEU E 35 -15.30 -21.35 -1.31
C LEU E 35 -16.46 -20.60 -2.02
N GLN E 36 -16.16 -19.35 -2.43
CA GLN E 36 -17.14 -18.47 -3.09
C GLN E 36 -17.00 -18.46 -4.62
N ASP E 37 -15.75 -18.41 -5.18
CA ASP E 37 -15.56 -18.37 -6.64
C ASP E 37 -14.12 -18.71 -7.05
N ILE E 38 -14.00 -19.44 -8.17
CA ILE E 38 -12.78 -19.70 -8.93
C ILE E 38 -12.89 -18.62 -10.00
N VAL E 39 -12.33 -17.45 -9.73
CA VAL E 39 -12.49 -16.26 -10.59
C VAL E 39 -11.76 -16.39 -11.92
N LYS E 40 -10.47 -16.70 -11.88
CA LYS E 40 -9.61 -16.75 -13.03
C LYS E 40 -8.86 -18.04 -13.01
N VAL E 41 -8.33 -18.42 -14.19
CA VAL E 41 -7.48 -19.58 -14.45
C VAL E 41 -6.49 -19.13 -15.52
N ASP E 42 -5.22 -19.03 -15.16
CA ASP E 42 -4.19 -18.59 -16.10
C ASP E 42 -3.36 -19.79 -16.53
N SER E 43 -3.74 -20.35 -17.67
CA SER E 43 -3.13 -21.50 -18.33
C SER E 43 -1.69 -21.23 -18.71
N SER E 44 -1.32 -19.96 -19.00
CA SER E 44 0.02 -19.58 -19.43
C SER E 44 1.05 -19.54 -18.27
N THR E 45 0.59 -19.35 -17.00
CA THR E 45 1.48 -19.30 -15.84
C THR E 45 1.12 -20.36 -14.78
N ASN E 46 0.08 -21.18 -15.05
CA ASN E 46 -0.46 -22.20 -14.13
C ASN E 46 -0.71 -21.57 -12.74
N GLU E 47 -1.50 -20.49 -12.76
CA GLU E 47 -1.95 -19.70 -11.63
C GLU E 47 -3.47 -19.72 -11.60
N VAL E 48 -4.06 -20.02 -10.44
CA VAL E 48 -5.51 -20.00 -10.28
C VAL E 48 -5.88 -19.07 -9.11
N ASP E 49 -6.90 -18.20 -9.32
CA ASP E 49 -7.36 -17.25 -8.31
C ASP E 49 -8.70 -17.70 -7.69
N LEU E 50 -8.69 -17.90 -6.34
CA LEU E 50 -9.88 -18.26 -5.55
C LEU E 50 -10.32 -17.11 -4.65
N VAL E 51 -11.66 -16.93 -4.49
CA VAL E 51 -12.27 -16.00 -3.55
C VAL E 51 -12.98 -16.92 -2.57
N TYR E 52 -12.67 -16.76 -1.27
CA TYR E 52 -13.20 -17.59 -0.18
C TYR E 52 -13.06 -16.83 1.15
N TYR E 53 -13.66 -17.37 2.20
CA TYR E 53 -13.43 -16.85 3.53
C TYR E 53 -13.11 -18.03 4.44
N GLU E 54 -12.02 -17.83 5.19
CA GLU E 54 -11.37 -18.79 6.06
C GLU E 54 -11.82 -18.66 7.51
N GLN E 55 -12.28 -19.75 8.11
CA GLN E 55 -12.64 -19.70 9.51
C GLN E 55 -11.41 -20.08 10.35
N GLN E 56 -10.95 -19.13 11.20
CA GLN E 56 -9.87 -19.24 12.18
C GLN E 56 -10.52 -19.21 13.58
N ARG E 57 -10.41 -20.30 14.32
CA ARG E 57 -10.95 -20.39 15.67
C ARG E 57 -9.89 -20.95 16.61
N TRP E 58 -9.64 -20.26 17.73
CA TRP E 58 -8.67 -20.70 18.75
C TRP E 58 -9.17 -20.22 20.13
N LYS E 59 -8.49 -20.65 21.22
CA LYS E 59 -8.90 -20.33 22.59
C LYS E 59 -7.67 -19.97 23.43
N LEU E 60 -7.81 -18.91 24.22
CA LEU E 60 -6.76 -18.41 25.10
C LEU E 60 -7.30 -18.27 26.50
N ASN E 61 -6.58 -18.81 27.50
CA ASN E 61 -6.99 -18.68 28.91
C ASN E 61 -6.85 -17.21 29.32
N SER E 62 -5.95 -16.50 28.60
CA SER E 62 -5.63 -15.09 28.69
C SER E 62 -6.89 -14.22 28.46
N LEU E 63 -7.71 -14.55 27.46
CA LEU E 63 -8.90 -13.79 27.08
C LEU E 63 -10.19 -14.27 27.75
N MET E 64 -10.10 -15.05 28.82
CA MET E 64 -11.29 -15.52 29.52
C MET E 64 -11.81 -14.48 30.49
N TRP E 65 -13.12 -14.52 30.82
CA TRP E 65 -13.74 -13.65 31.82
C TRP E 65 -15.07 -14.20 32.36
N ASP E 66 -15.45 -13.71 33.56
CA ASP E 66 -16.71 -14.01 34.23
C ASP E 66 -17.73 -13.00 33.71
N PRO E 67 -18.71 -13.41 32.89
CA PRO E 67 -19.66 -12.42 32.33
C PRO E 67 -20.46 -11.68 33.40
N ASN E 68 -20.74 -12.32 34.55
CA ASN E 68 -21.46 -11.68 35.64
C ASN E 68 -20.65 -10.49 36.18
N GLU E 69 -19.29 -10.62 36.18
CA GLU E 69 -18.33 -9.61 36.64
C GLU E 69 -18.29 -8.38 35.74
N TYR E 70 -18.77 -8.53 34.50
CA TYR E 70 -18.77 -7.50 33.47
C TYR E 70 -20.17 -7.27 32.85
N GLY E 71 -21.20 -7.25 33.71
CA GLY E 71 -22.58 -6.99 33.30
C GLY E 71 -23.13 -7.92 32.22
N ASN E 72 -23.13 -9.23 32.52
CA ASN E 72 -23.63 -10.34 31.69
C ASN E 72 -23.40 -10.12 30.18
N ILE E 73 -22.12 -10.14 29.75
CA ILE E 73 -21.73 -10.01 28.34
C ILE E 73 -20.85 -11.19 27.99
N THR E 74 -21.38 -12.04 27.11
CA THR E 74 -20.80 -13.31 26.69
C THR E 74 -19.70 -13.16 25.67
N ASP E 75 -19.92 -12.34 24.62
CA ASP E 75 -18.99 -12.18 23.50
C ASP E 75 -18.89 -10.72 23.07
N PHE E 76 -17.82 -10.36 22.37
CA PHE E 76 -17.62 -9.01 21.83
C PHE E 76 -16.74 -9.03 20.59
N ARG E 77 -16.90 -8.01 19.72
CA ARG E 77 -16.10 -7.87 18.52
C ARG E 77 -14.97 -6.91 18.81
N THR E 78 -13.77 -7.21 18.29
CA THR E 78 -12.59 -6.34 18.45
C THR E 78 -11.68 -6.42 17.21
N SER E 79 -10.91 -5.36 16.98
CA SER E 79 -9.97 -5.33 15.88
C SER E 79 -8.93 -6.39 16.10
N ALA E 80 -8.57 -7.10 15.02
CA ALA E 80 -7.59 -8.17 15.03
C ALA E 80 -6.23 -7.69 15.56
N ALA E 81 -5.98 -6.36 15.54
CA ALA E 81 -4.75 -5.73 16.03
C ALA E 81 -4.60 -5.87 17.53
N ASP E 82 -5.73 -5.79 18.27
CA ASP E 82 -5.82 -5.87 19.73
C ASP E 82 -5.43 -7.25 20.27
N ILE E 83 -5.51 -8.30 19.42
CA ILE E 83 -5.27 -9.70 19.81
C ILE E 83 -4.19 -10.38 18.98
N TRP E 84 -3.68 -11.50 19.48
CA TRP E 84 -2.75 -12.31 18.73
C TRP E 84 -3.58 -13.08 17.70
N THR E 85 -3.04 -13.25 16.48
CA THR E 85 -3.71 -14.00 15.41
C THR E 85 -2.74 -15.02 14.80
N PRO E 86 -3.22 -16.22 14.41
CA PRO E 86 -2.30 -17.23 13.84
C PRO E 86 -1.82 -16.84 12.45
N ASP E 87 -0.54 -17.12 12.17
CA ASP E 87 0.09 -16.80 10.89
C ASP E 87 -0.19 -17.88 9.84
N ILE E 88 -1.48 -18.15 9.59
CA ILE E 88 -1.91 -19.17 8.61
C ILE E 88 -1.60 -18.63 7.23
N THR E 89 -0.68 -19.31 6.54
CA THR E 89 -0.14 -18.99 5.22
C THR E 89 -0.43 -20.10 4.23
N ALA E 90 -0.65 -19.73 2.97
CA ALA E 90 -0.84 -20.68 1.88
C ALA E 90 0.53 -20.93 1.24
N TYR E 91 1.01 -22.18 1.29
CA TYR E 91 2.34 -22.55 0.80
C TYR E 91 2.55 -22.22 -0.71
N SER E 92 1.70 -22.74 -1.61
CA SER E 92 1.80 -22.57 -3.07
C SER E 92 1.34 -21.18 -3.58
N SER E 93 1.20 -20.14 -2.71
CA SER E 93 0.78 -18.79 -3.17
C SER E 93 1.81 -18.21 -4.12
N THR E 94 1.34 -17.47 -5.15
CA THR E 94 2.21 -16.84 -6.15
C THR E 94 2.14 -15.33 -6.08
N ARG E 95 1.18 -14.79 -5.33
CA ARG E 95 0.97 -13.37 -5.15
C ARG E 95 0.38 -13.12 -3.77
N PRO E 96 0.67 -11.99 -3.07
CA PRO E 96 0.13 -11.81 -1.71
C PRO E 96 -1.39 -11.86 -1.66
N VAL E 97 -1.97 -12.58 -0.66
CA VAL E 97 -3.45 -12.65 -0.59
C VAL E 97 -4.01 -11.26 -0.36
N GLN E 98 -5.08 -10.95 -1.08
CA GLN E 98 -5.79 -9.68 -0.95
C GLN E 98 -6.89 -9.83 0.11
N VAL E 99 -6.92 -8.95 1.11
CA VAL E 99 -7.96 -9.08 2.13
C VAL E 99 -9.27 -8.41 1.60
N LEU E 100 -10.35 -9.16 1.72
CA LEU E 100 -11.65 -8.80 1.19
C LEU E 100 -12.70 -8.55 2.31
N SER E 101 -12.27 -8.71 3.60
CA SER E 101 -13.13 -8.50 4.78
C SER E 101 -12.43 -7.71 5.90
N PRO E 102 -13.23 -7.02 6.76
CA PRO E 102 -12.66 -6.28 7.91
C PRO E 102 -11.81 -7.13 8.85
N GLN E 103 -10.78 -6.51 9.45
CA GLN E 103 -9.87 -7.19 10.37
C GLN E 103 -10.45 -7.15 11.78
N ILE E 104 -11.60 -7.80 11.95
CA ILE E 104 -12.31 -7.86 13.22
C ILE E 104 -12.58 -9.33 13.52
N ALA E 105 -12.39 -9.72 14.78
CA ALA E 105 -12.65 -11.07 15.28
C ALA E 105 -13.64 -11.01 16.48
N VAL E 106 -14.10 -12.17 16.94
CA VAL E 106 -15.05 -12.16 18.04
C VAL E 106 -14.53 -13.01 19.22
N VAL E 107 -14.37 -12.36 20.39
CA VAL E 107 -13.89 -12.94 21.65
C VAL E 107 -15.09 -13.32 22.52
N THR E 108 -15.07 -14.55 23.02
CA THR E 108 -16.11 -15.09 23.90
C THR E 108 -15.49 -15.28 25.28
N HIS E 109 -16.30 -15.20 26.32
CA HIS E 109 -15.88 -15.26 27.72
C HIS E 109 -15.01 -16.49 28.06
N ASP E 110 -15.14 -17.59 27.31
CA ASP E 110 -14.34 -18.79 27.55
C ASP E 110 -12.94 -18.63 26.91
N GLY E 111 -12.63 -17.43 26.41
CA GLY E 111 -11.39 -17.08 25.76
C GLY E 111 -11.28 -17.53 24.32
N SER E 112 -12.34 -18.09 23.75
CA SER E 112 -12.35 -18.56 22.36
C SER E 112 -12.49 -17.37 21.40
N VAL E 113 -11.61 -17.32 20.39
CA VAL E 113 -11.54 -16.24 19.40
C VAL E 113 -11.95 -16.75 18.02
N MET E 114 -12.83 -16.01 17.33
CA MET E 114 -13.32 -16.37 16.01
C MET E 114 -12.92 -15.29 15.02
N PHE E 115 -12.14 -15.64 13.99
CA PHE E 115 -11.68 -14.70 12.97
C PHE E 115 -11.97 -15.27 11.60
N ILE E 116 -12.77 -14.54 10.80
CA ILE E 116 -13.17 -15.07 9.48
C ILE E 116 -12.65 -14.16 8.33
N PRO E 117 -11.35 -14.22 7.97
CA PRO E 117 -10.85 -13.36 6.89
C PRO E 117 -11.34 -13.77 5.48
N ALA E 118 -11.89 -12.81 4.72
CA ALA E 118 -12.26 -13.10 3.33
C ALA E 118 -11.07 -12.76 2.46
N GLN E 119 -10.65 -13.69 1.59
CA GLN E 119 -9.45 -13.46 0.78
C GLN E 119 -9.61 -13.88 -0.67
N ARG E 120 -8.76 -13.24 -1.51
CA ARG E 120 -8.50 -13.57 -2.92
C ARG E 120 -7.11 -14.11 -2.95
N LEU E 121 -6.97 -15.42 -3.27
CA LEU E 121 -5.65 -16.09 -3.28
C LEU E 121 -5.23 -16.54 -4.68
N SER E 122 -3.97 -16.28 -5.04
CA SER E 122 -3.41 -16.75 -6.30
C SER E 122 -2.36 -17.80 -5.99
N PHE E 123 -2.65 -19.05 -6.40
CA PHE E 123 -1.77 -20.17 -6.11
C PHE E 123 -1.42 -20.99 -7.35
N MET E 124 -0.40 -21.83 -7.20
CA MET E 124 0.11 -22.73 -8.22
C MET E 124 -0.87 -23.83 -8.46
N CYS E 125 -1.33 -23.92 -9.72
CA CYS E 125 -2.32 -24.87 -10.16
C CYS E 125 -2.31 -25.02 -11.70
N ASP E 126 -1.99 -26.22 -12.23
CA ASP E 126 -2.02 -26.47 -13.67
C ASP E 126 -3.46 -26.77 -14.05
N PRO E 127 -4.12 -25.87 -14.81
CA PRO E 127 -5.54 -26.08 -15.12
C PRO E 127 -5.80 -26.96 -16.33
N THR E 128 -4.75 -27.57 -16.91
CA THR E 128 -4.86 -28.46 -18.07
C THR E 128 -5.93 -29.55 -17.82
N GLY E 129 -6.97 -29.53 -18.65
CA GLY E 129 -8.09 -30.46 -18.52
C GLY E 129 -9.30 -29.87 -17.83
N VAL E 130 -9.36 -28.54 -17.70
CA VAL E 130 -10.52 -27.86 -17.11
C VAL E 130 -11.66 -27.84 -18.15
N ASP E 131 -11.31 -27.80 -19.46
CA ASP E 131 -12.22 -27.77 -20.63
C ASP E 131 -12.91 -29.11 -20.86
N SER E 132 -12.40 -30.18 -20.22
CA SER E 132 -12.97 -31.50 -20.29
C SER E 132 -14.12 -31.65 -19.26
N GLU E 133 -14.79 -32.81 -19.27
CA GLU E 133 -15.91 -33.14 -18.38
C GLU E 133 -15.39 -33.69 -17.06
N GLU E 134 -14.26 -34.47 -17.10
CA GLU E 134 -13.55 -35.03 -15.94
C GLU E 134 -13.05 -33.94 -15.00
N GLY E 135 -12.71 -32.79 -15.57
CA GLY E 135 -12.21 -31.63 -14.85
C GLY E 135 -10.75 -31.70 -14.48
N VAL E 136 -10.32 -30.80 -13.64
CA VAL E 136 -8.94 -30.71 -13.17
C VAL E 136 -8.96 -30.57 -11.64
N THR E 137 -8.00 -31.20 -10.97
CA THR E 137 -7.86 -31.14 -9.52
C THR E 137 -6.63 -30.33 -9.14
N CYS E 138 -6.80 -29.43 -8.16
CA CYS E 138 -5.73 -28.58 -7.66
C CYS E 138 -5.77 -28.49 -6.16
N ALA E 139 -4.59 -28.27 -5.57
CA ALA E 139 -4.49 -28.21 -4.11
C ALA E 139 -3.61 -27.07 -3.64
N VAL E 140 -3.88 -26.60 -2.41
CA VAL E 140 -3.14 -25.56 -1.72
C VAL E 140 -3.14 -25.84 -0.20
N LYS E 141 -1.93 -25.83 0.40
CA LYS E 141 -1.74 -26.11 1.81
C LYS E 141 -1.78 -24.84 2.62
N PHE E 142 -2.62 -24.83 3.65
CA PHE E 142 -2.71 -23.71 4.58
C PHE E 142 -2.19 -24.16 5.94
N GLY E 143 -1.26 -23.40 6.49
CA GLY E 143 -0.69 -23.69 7.81
C GLY E 143 0.13 -22.54 8.32
N SER E 144 0.54 -22.59 9.61
CA SER E 144 1.39 -21.56 10.18
C SER E 144 2.74 -21.60 9.51
N TRP E 145 3.22 -20.45 9.08
CA TRP E 145 4.51 -20.38 8.40
C TRP E 145 5.69 -20.63 9.36
N VAL E 146 5.68 -19.99 10.55
CA VAL E 146 6.79 -20.00 11.52
C VAL E 146 6.60 -20.95 12.71
N TYR E 147 5.35 -21.34 13.00
CA TYR E 147 5.05 -22.17 14.16
C TYR E 147 4.87 -23.63 13.76
N SER E 148 5.61 -24.54 14.43
CA SER E 148 5.62 -25.99 14.19
C SER E 148 4.36 -26.68 14.76
N GLY E 149 4.47 -27.99 14.95
CA GLY E 149 3.39 -28.78 15.52
C GLY E 149 3.38 -28.72 17.03
N PHE E 150 4.58 -28.56 17.64
CA PHE E 150 4.81 -28.46 19.08
C PHE E 150 4.29 -27.14 19.66
N GLU E 151 4.09 -26.08 18.80
CA GLU E 151 3.59 -24.78 19.21
C GLU E 151 2.15 -24.57 18.72
N ILE E 152 1.86 -24.90 17.44
CA ILE E 152 0.49 -24.75 16.89
C ILE E 152 0.06 -26.03 16.18
N ASP E 153 -1.14 -26.51 16.52
CA ASP E 153 -1.76 -27.66 15.87
C ASP E 153 -2.98 -27.15 15.13
N LEU E 154 -3.36 -27.84 14.07
CA LEU E 154 -4.53 -27.48 13.26
C LEU E 154 -5.56 -28.57 13.36
N LYS E 155 -6.84 -28.18 13.29
CA LYS E 155 -7.98 -29.09 13.35
C LYS E 155 -9.08 -28.58 12.41
N THR E 156 -9.88 -29.49 11.82
CA THR E 156 -11.01 -29.09 10.97
C THR E 156 -12.26 -29.70 11.55
N ASP E 157 -13.35 -28.92 11.64
CA ASP E 157 -14.61 -29.46 12.14
C ASP E 157 -15.20 -30.49 11.13
N THR E 158 -14.91 -30.27 9.83
CA THR E 158 -15.34 -31.10 8.70
C THR E 158 -14.26 -31.13 7.60
N ASP E 159 -14.19 -32.26 6.87
CA ASP E 159 -13.28 -32.47 5.75
C ASP E 159 -13.90 -31.89 4.45
N GLN E 160 -15.20 -31.49 4.51
CA GLN E 160 -15.93 -30.94 3.38
C GLN E 160 -15.92 -29.43 3.39
N VAL E 161 -15.42 -28.82 2.32
CA VAL E 161 -15.39 -27.37 2.15
C VAL E 161 -16.83 -26.87 1.94
N ASP E 162 -17.18 -25.71 2.53
CA ASP E 162 -18.52 -25.13 2.45
C ASP E 162 -18.77 -24.50 1.07
N LEU E 163 -19.58 -25.19 0.24
CA LEU E 163 -19.87 -24.67 -1.09
C LEU E 163 -21.24 -24.03 -1.16
N SER E 164 -21.90 -23.86 0.00
CA SER E 164 -23.23 -23.27 0.11
C SER E 164 -23.28 -21.83 -0.39
N SER E 165 -22.13 -21.12 -0.39
CA SER E 165 -22.05 -19.73 -0.85
C SER E 165 -21.17 -19.63 -2.13
N TYR E 166 -21.01 -20.77 -2.85
CA TYR E 166 -20.27 -20.80 -4.11
C TYR E 166 -21.11 -20.16 -5.22
N TYR E 167 -20.47 -19.21 -5.90
CA TYR E 167 -21.05 -18.42 -6.99
C TYR E 167 -21.65 -19.31 -8.07
N ALA E 168 -22.98 -19.24 -8.16
CA ALA E 168 -23.78 -20.00 -9.10
C ALA E 168 -23.37 -19.78 -10.56
N SER E 169 -23.34 -18.52 -11.02
CA SER E 169 -22.99 -18.22 -12.39
C SER E 169 -21.44 -18.11 -12.61
N SER E 170 -20.62 -18.76 -11.75
CA SER E 170 -19.16 -18.79 -11.90
C SER E 170 -18.77 -19.44 -13.22
N LYS E 171 -17.59 -19.12 -13.78
CA LYS E 171 -17.13 -19.71 -15.04
C LYS E 171 -16.72 -21.19 -14.86
N TYR E 172 -16.40 -21.58 -13.60
CA TYR E 172 -15.98 -22.92 -13.24
C TYR E 172 -16.90 -23.53 -12.17
N GLU E 173 -17.41 -24.74 -12.49
CA GLU E 173 -18.29 -25.58 -11.67
C GLU E 173 -17.45 -26.47 -10.72
N ILE E 174 -17.78 -26.49 -9.41
CA ILE E 174 -17.03 -27.31 -8.45
C ILE E 174 -17.51 -28.76 -8.50
N LEU E 175 -16.58 -29.67 -8.71
CA LEU E 175 -16.89 -31.09 -8.73
C LEU E 175 -16.72 -31.67 -7.32
N SER E 176 -15.68 -31.22 -6.59
CA SER E 176 -15.37 -31.62 -5.22
C SER E 176 -14.47 -30.58 -4.56
N ALA E 177 -14.65 -30.36 -3.24
CA ALA E 177 -13.84 -29.41 -2.46
C ALA E 177 -13.65 -29.99 -1.04
N THR E 178 -12.40 -30.30 -0.73
CA THR E 178 -11.98 -30.97 0.48
C THR E 178 -10.98 -30.17 1.31
N GLN E 179 -11.18 -30.17 2.64
CA GLN E 179 -10.30 -29.52 3.59
C GLN E 179 -9.76 -30.58 4.55
N THR E 180 -8.54 -31.10 4.32
CA THR E 180 -8.02 -32.16 5.20
C THR E 180 -6.67 -31.82 5.86
N ARG E 181 -6.55 -32.13 7.16
CA ARG E 181 -5.36 -31.87 7.97
C ARG E 181 -4.23 -32.80 7.57
N GLN E 182 -3.00 -32.28 7.55
CA GLN E 182 -1.79 -33.05 7.20
C GLN E 182 -0.64 -32.70 8.13
N VAL E 183 0.35 -33.60 8.20
CA VAL E 183 1.57 -33.38 8.96
C VAL E 183 2.72 -33.58 8.02
N GLN E 184 3.61 -32.61 7.98
CA GLN E 184 4.73 -32.70 7.08
C GLN E 184 6.03 -32.43 7.80
N HIS E 185 7.09 -33.14 7.39
CA HIS E 185 8.43 -32.89 7.89
C HIS E 185 9.22 -32.40 6.69
N TYR E 186 9.81 -31.18 6.73
CA TYR E 186 10.58 -30.67 5.59
C TYR E 186 12.08 -30.91 5.78
N SER E 187 12.88 -30.82 4.69
CA SER E 187 14.33 -31.06 4.69
C SER E 187 15.07 -30.17 5.70
N CYS E 188 14.68 -28.89 5.75
CA CYS E 188 15.21 -27.82 6.59
C CYS E 188 15.13 -28.07 8.07
N CYS E 189 14.00 -28.65 8.47
CA CYS E 189 13.53 -28.65 9.82
C CYS E 189 13.18 -30.04 10.38
N PRO E 190 13.70 -30.34 11.59
CA PRO E 190 13.40 -31.64 12.23
C PRO E 190 11.98 -31.73 12.78
N GLU E 191 11.44 -30.59 13.24
CA GLU E 191 10.11 -30.44 13.79
C GLU E 191 9.07 -30.55 12.66
N PRO E 192 7.87 -31.13 12.92
CA PRO E 192 6.87 -31.21 11.85
C PRO E 192 6.04 -29.92 11.74
N TYR E 193 5.44 -29.69 10.58
CA TYR E 193 4.60 -28.53 10.36
C TYR E 193 3.23 -28.99 9.90
N ILE E 194 2.20 -28.58 10.63
CA ILE E 194 0.83 -28.99 10.34
C ILE E 194 0.15 -28.00 9.38
N ASP E 195 -0.59 -28.59 8.43
CA ASP E 195 -1.35 -27.90 7.41
C ASP E 195 -2.73 -28.54 7.21
N VAL E 196 -3.58 -27.82 6.48
CA VAL E 196 -4.90 -28.25 6.04
C VAL E 196 -4.85 -28.10 4.51
N ASN E 197 -5.01 -29.22 3.78
CA ASN E 197 -4.92 -29.22 2.34
C ASN E 197 -6.28 -28.99 1.67
N LEU E 198 -6.43 -27.79 1.07
CA LEU E 198 -7.62 -27.40 0.32
C LEU E 198 -7.49 -28.03 -1.06
N VAL E 199 -8.35 -29.02 -1.35
CA VAL E 199 -8.29 -29.77 -2.62
C VAL E 199 -9.58 -29.57 -3.39
N VAL E 200 -9.50 -28.84 -4.51
CA VAL E 200 -10.67 -28.54 -5.32
C VAL E 200 -10.54 -29.13 -6.73
N LYS E 201 -11.58 -29.86 -7.15
CA LYS E 201 -11.73 -30.48 -8.47
C LYS E 201 -12.84 -29.67 -9.16
N PHE E 202 -12.54 -29.11 -10.33
CA PHE E 202 -13.46 -28.24 -11.03
C PHE E 202 -13.31 -28.34 -12.55
N ARG E 203 -14.27 -27.77 -13.28
CA ARG E 203 -14.30 -27.69 -14.73
C ARG E 203 -15.13 -26.51 -15.17
N GLU E 204 -14.88 -25.99 -16.38
CA GLU E 204 -15.69 -24.88 -16.90
C GLU E 204 -17.11 -25.37 -17.32
N ARG E 205 -18.12 -24.44 -17.32
CA ARG E 205 -19.47 -24.72 -17.77
C ARG E 205 -19.50 -25.19 -19.22
#